data_6RV3
#
_entry.id   6RV3
#
_cell.length_a   45.070
_cell.length_b   204.500
_cell.length_c   239.320
_cell.angle_alpha   90.00
_cell.angle_beta   90.00
_cell.angle_gamma   90.00
#
_symmetry.space_group_name_H-M   'P 2 21 21'
#
loop_
_entity.id
_entity.type
_entity.pdbx_description
1 polymer 'Potassium channel subfamily K member 3'
2 non-polymer 'POTASSIUM ION'
3 non-polymer 'CHOLESTEROL HEMISUCCINATE'
4 non-polymer DECYL-BETA-D-MALTOPYRANOSIDE
5 non-polymer 1,2-DIACYL-SN-GLYCERO-3-PHOSPHOCHOLINE
6 non-polymer [4-[[2-(4-bromophenyl)imidazo[1,2-a]pyridin-3-yl]methyl]piperazin-1-yl]-(2-fluorophenyl)methanone
7 water water
#
_entity_poly.entity_id   1
_entity_poly.type   'polypeptide(L)'
_entity_poly.pdbx_seq_one_letter_code
;MKRQNVRTLALIVCTFTYLLVGAAVFDALESEPELIERQRLELRQQELRARYNLSQGGYEELERVVLRLKPHKAGVQWRF
AGSFYFAITVITTIGYGHAAPSTDGGKVFCMFYALLGIPLTLVMFQSLGERINTLVRYLLHRAKKGLGMRRADVSMANMV
LIGFFSCISTLCIGAAAFSHYEHWTFFQAYYYCFITLTTIGFGDYVALQKDQALQTQPQYVAFSFVYILTGLTVIGAFLN
LVVLRFMTMNAEDEKRDAENLYFQ
;
_entity_poly.pdbx_strand_id   A,B,C,D
#
# COMPACT_ATOMS: atom_id res chain seq x y z
N MET A 1 6.76 29.60 36.74
CA MET A 1 7.11 28.18 36.59
C MET A 1 8.48 27.87 37.21
N LYS A 2 8.57 26.73 37.93
CA LYS A 2 9.78 26.23 38.59
C LYS A 2 10.93 26.04 37.61
N ARG A 3 12.20 26.22 38.08
CA ARG A 3 13.42 26.07 37.27
C ARG A 3 13.52 24.68 36.59
N GLN A 4 13.15 23.60 37.32
CA GLN A 4 13.15 22.20 36.85
C GLN A 4 12.23 22.04 35.64
N ASN A 5 11.00 22.60 35.73
CA ASN A 5 9.99 22.50 34.67
C ASN A 5 10.35 23.31 33.43
N VAL A 6 11.01 24.48 33.60
CA VAL A 6 11.46 25.32 32.49
C VAL A 6 12.60 24.61 31.75
N ARG A 7 13.59 24.09 32.52
CA ARG A 7 14.75 23.33 32.01
C ARG A 7 14.34 22.09 31.21
N THR A 8 13.41 21.27 31.77
CA THR A 8 12.92 20.05 31.14
C THR A 8 12.18 20.36 29.83
N LEU A 9 11.27 21.37 29.85
CA LEU A 9 10.53 21.79 28.66
C LEU A 9 11.45 22.36 27.58
N ALA A 10 12.52 23.09 27.98
CA ALA A 10 13.52 23.66 27.07
C ALA A 10 14.26 22.52 26.36
N LEU A 11 14.65 21.46 27.11
CA LEU A 11 15.35 20.28 26.60
C LEU A 11 14.51 19.48 25.61
N ILE A 12 13.18 19.35 25.86
CA ILE A 12 12.24 18.63 25.00
C ILE A 12 12.11 19.39 23.67
N VAL A 13 11.92 20.74 23.74
CA VAL A 13 11.83 21.61 22.57
C VAL A 13 13.14 21.57 21.77
N CYS A 14 14.30 21.55 22.48
CA CYS A 14 15.64 21.47 21.89
C CYS A 14 15.83 20.18 21.10
N THR A 15 15.54 19.01 21.72
CA THR A 15 15.69 17.69 21.11
C THR A 15 14.81 17.53 19.87
N PHE A 16 13.51 17.91 19.95
CA PHE A 16 12.59 17.79 18.82
C PHE A 16 12.98 18.69 17.65
N THR A 17 13.45 19.92 17.92
CA THR A 17 13.89 20.84 16.86
C THR A 17 15.21 20.35 16.24
N TYR A 18 16.08 19.72 17.07
CA TYR A 18 17.35 19.13 16.65
C TYR A 18 17.09 17.94 15.73
N LEU A 19 16.00 17.20 15.99
CA LEU A 19 15.57 16.06 15.18
C LEU A 19 15.03 16.52 13.82
N LEU A 20 14.23 17.61 13.80
CA LEU A 20 13.65 18.20 12.58
C LEU A 20 14.74 18.78 11.70
N VAL A 21 15.71 19.51 12.31
CA VAL A 21 16.85 20.11 11.62
C VAL A 21 17.75 18.99 11.05
N GLY A 22 17.96 17.94 11.85
CA GLY A 22 18.75 16.77 11.45
C GLY A 22 18.13 16.05 10.26
N ALA A 23 16.82 15.75 10.34
CA ALA A 23 16.05 15.10 9.29
C ALA A 23 16.06 15.92 8.00
N ALA A 24 16.05 17.27 8.12
CA ALA A 24 16.10 18.18 6.97
C ALA A 24 17.45 18.11 6.26
N VAL A 25 18.56 18.08 7.04
CA VAL A 25 19.93 18.03 6.50
C VAL A 25 20.22 16.66 5.86
N PHE A 26 19.93 15.54 6.57
CA PHE A 26 20.16 14.19 6.04
C PHE A 26 19.38 13.91 4.75
N ASP A 27 18.22 14.58 4.59
CA ASP A 27 17.38 14.50 3.38
C ASP A 27 18.15 15.17 2.23
N ALA A 28 18.68 16.39 2.48
CA ALA A 28 19.44 17.19 1.51
C ALA A 28 20.75 16.50 1.04
N LEU A 29 21.38 15.73 1.94
CA LEU A 29 22.66 15.05 1.69
C LEU A 29 22.57 13.60 1.22
N GLU A 30 21.48 12.89 1.54
CA GLU A 30 21.38 11.47 1.20
C GLU A 30 20.24 11.04 0.25
N SER A 31 19.13 11.81 0.15
CA SER A 31 17.97 11.47 -0.71
C SER A 31 18.32 11.23 -2.17
N GLU A 32 18.92 12.23 -2.84
CA GLU A 32 19.33 12.13 -4.25
C GLU A 32 20.40 11.04 -4.46
N PRO A 33 21.53 10.96 -3.68
CA PRO A 33 22.49 9.86 -3.86
C PRO A 33 21.86 8.45 -3.80
N GLU A 34 20.89 8.25 -2.89
CA GLU A 34 20.16 6.98 -2.69
C GLU A 34 19.33 6.62 -3.92
N LEU A 35 18.62 7.60 -4.51
CA LEU A 35 17.81 7.41 -5.73
C LEU A 35 18.73 7.06 -6.91
N ILE A 36 19.90 7.71 -7.00
CA ILE A 36 20.92 7.50 -8.04
C ILE A 36 21.51 6.09 -7.91
N GLU A 37 21.86 5.68 -6.66
CA GLU A 37 22.42 4.35 -6.38
C GLU A 37 21.40 3.23 -6.61
N ARG A 38 20.11 3.45 -6.25
CA ARG A 38 19.05 2.47 -6.45
C ARG A 38 18.87 2.21 -7.94
N GLN A 39 18.86 3.29 -8.75
CA GLN A 39 18.72 3.21 -10.21
C GLN A 39 19.91 2.52 -10.88
N ARG A 40 21.15 2.81 -10.39
CA ARG A 40 22.41 2.24 -10.88
C ARG A 40 22.45 0.73 -10.66
N LEU A 41 22.14 0.28 -9.43
CA LEU A 41 22.15 -1.12 -9.04
C LEU A 41 21.06 -1.92 -9.74
N GLU A 42 19.89 -1.31 -9.99
CA GLU A 42 18.78 -1.95 -10.71
C GLU A 42 19.13 -2.23 -12.16
N LEU A 43 20.06 -1.44 -12.74
CA LEU A 43 20.56 -1.64 -14.11
C LEU A 43 21.51 -2.84 -14.12
N ARG A 44 22.43 -2.90 -13.12
CA ARG A 44 23.41 -3.98 -12.94
C ARG A 44 22.70 -5.30 -12.68
N GLN A 45 21.60 -5.26 -11.88
CA GLN A 45 20.77 -6.40 -11.53
C GLN A 45 20.11 -7.01 -12.77
N GLN A 46 19.61 -6.14 -13.68
CA GLN A 46 18.97 -6.54 -14.93
C GLN A 46 20.01 -7.11 -15.90
N GLU A 47 21.19 -6.47 -15.99
CA GLU A 47 22.29 -6.88 -16.85
C GLU A 47 22.83 -8.25 -16.45
N LEU A 48 23.06 -8.47 -15.13
CA LEU A 48 23.56 -9.74 -14.60
C LEU A 48 22.54 -10.87 -14.71
N ARG A 49 21.24 -10.55 -14.60
CA ARG A 49 20.15 -11.52 -14.74
C ARG A 49 20.07 -12.01 -16.19
N ALA A 50 20.38 -11.11 -17.15
CA ALA A 50 20.38 -11.41 -18.58
C ALA A 50 21.63 -12.21 -18.96
N ARG A 51 22.80 -11.83 -18.41
CA ARG A 51 24.09 -12.45 -18.68
C ARG A 51 24.18 -13.92 -18.24
N TYR A 52 23.56 -14.27 -17.10
CA TYR A 52 23.60 -15.63 -16.56
C TYR A 52 22.24 -16.35 -16.64
N ASN A 53 21.36 -15.90 -17.58
CA ASN A 53 20.02 -16.42 -17.87
C ASN A 53 19.23 -16.77 -16.59
N LEU A 54 18.89 -15.73 -15.82
CA LEU A 54 18.18 -15.84 -14.55
C LEU A 54 16.80 -15.22 -14.56
N SER A 55 15.79 -15.98 -14.10
CA SER A 55 14.40 -15.55 -14.00
C SER A 55 14.17 -14.75 -12.70
N GLN A 56 12.93 -14.29 -12.47
CA GLN A 56 12.54 -13.55 -11.26
C GLN A 56 12.70 -14.44 -10.03
N GLY A 57 12.28 -15.70 -10.14
CA GLY A 57 12.39 -16.69 -9.09
C GLY A 57 13.80 -17.21 -8.89
N GLY A 58 14.54 -17.31 -9.99
CA GLY A 58 15.93 -17.75 -10.00
C GLY A 58 16.83 -16.82 -9.23
N TYR A 59 16.67 -15.49 -9.45
CA TYR A 59 17.44 -14.44 -8.77
C TYR A 59 17.07 -14.40 -7.29
N GLU A 60 15.76 -14.47 -6.97
CA GLU A 60 15.22 -14.46 -5.61
C GLU A 60 15.76 -15.59 -4.75
N GLU A 61 15.94 -16.79 -5.37
CA GLU A 61 16.49 -18.00 -4.75
C GLU A 61 17.94 -17.81 -4.32
N LEU A 62 18.76 -17.18 -5.20
CA LEU A 62 20.16 -16.89 -4.91
C LEU A 62 20.28 -15.68 -3.99
N GLU A 63 19.27 -14.78 -4.00
CA GLU A 63 19.22 -13.58 -3.16
C GLU A 63 19.14 -13.97 -1.68
N ARG A 64 18.34 -15.01 -1.35
CA ARG A 64 18.15 -15.52 0.00
C ARG A 64 19.43 -16.13 0.57
N VAL A 65 20.18 -16.87 -0.27
CA VAL A 65 21.42 -17.56 0.12
C VAL A 65 22.55 -16.55 0.42
N VAL A 66 22.76 -15.56 -0.47
CA VAL A 66 23.78 -14.51 -0.33
C VAL A 66 23.62 -13.73 0.98
N LEU A 67 22.37 -13.34 1.29
CA LEU A 67 22.01 -12.59 2.50
C LEU A 67 22.21 -13.40 3.77
N ARG A 68 21.81 -14.69 3.76
CA ARG A 68 21.94 -15.61 4.89
C ARG A 68 23.40 -16.01 5.16
N LEU A 69 24.25 -16.01 4.12
CA LEU A 69 25.67 -16.36 4.22
C LEU A 69 26.55 -15.19 4.70
N LYS A 70 26.03 -13.94 4.67
CA LYS A 70 26.76 -12.73 5.08
C LYS A 70 27.42 -12.84 6.48
N PRO A 71 26.73 -13.27 7.58
CA PRO A 71 27.43 -13.36 8.88
C PRO A 71 28.48 -14.48 8.94
N HIS A 72 28.30 -15.53 8.11
CA HIS A 72 29.21 -16.67 8.02
C HIS A 72 30.43 -16.33 7.18
N LYS A 73 30.29 -15.41 6.20
CA LYS A 73 31.34 -14.94 5.27
C LYS A 73 32.58 -14.41 5.99
N ALA A 74 32.38 -13.64 7.10
CA ALA A 74 33.43 -13.08 7.95
C ALA A 74 34.20 -14.17 8.69
N GLY A 75 33.53 -15.30 8.95
CA GLY A 75 34.08 -16.46 9.63
C GLY A 75 33.22 -16.91 10.80
N VAL A 76 33.82 -17.72 11.69
CA VAL A 76 33.16 -18.22 12.90
C VAL A 76 33.07 -17.04 13.88
N GLN A 77 31.83 -16.62 14.17
CA GLN A 77 31.47 -15.48 15.02
C GLN A 77 31.08 -15.90 16.42
N TRP A 78 31.00 -17.21 16.71
CA TRP A 78 30.49 -17.62 18.01
C TRP A 78 31.41 -18.50 18.87
N ARG A 79 32.70 -18.69 18.51
CA ARG A 79 33.61 -19.44 19.40
C ARG A 79 34.00 -18.50 20.58
N PHE A 80 34.99 -18.84 21.41
CA PHE A 80 35.34 -17.98 22.56
C PHE A 80 35.65 -16.51 22.18
N ALA A 81 36.50 -16.28 21.16
CA ALA A 81 36.86 -14.93 20.72
C ALA A 81 35.67 -14.11 20.19
N GLY A 82 34.83 -14.74 19.35
CA GLY A 82 33.64 -14.12 18.76
C GLY A 82 32.53 -13.86 19.75
N SER A 83 32.43 -14.70 20.80
CA SER A 83 31.41 -14.57 21.85
C SER A 83 31.82 -13.50 22.83
N PHE A 84 33.15 -13.28 23.02
CA PHE A 84 33.69 -12.25 23.90
C PHE A 84 33.50 -10.88 23.26
N TYR A 85 33.74 -10.79 21.93
CA TYR A 85 33.57 -9.59 21.11
C TYR A 85 32.09 -9.19 21.15
N PHE A 86 31.18 -10.19 21.02
CA PHE A 86 29.73 -9.99 21.09
C PHE A 86 29.31 -9.56 22.50
N ALA A 87 29.89 -10.19 23.55
CA ALA A 87 29.61 -9.84 24.95
C ALA A 87 29.98 -8.37 25.19
N ILE A 88 31.08 -7.88 24.55
CA ILE A 88 31.51 -6.48 24.63
C ILE A 88 30.40 -5.57 24.06
N THR A 89 29.96 -5.84 22.80
CA THR A 89 28.93 -5.06 22.09
C THR A 89 27.59 -4.96 22.86
N VAL A 90 27.23 -5.99 23.65
CA VAL A 90 25.99 -6.03 24.42
C VAL A 90 26.06 -5.07 25.64
N ILE A 91 26.98 -5.34 26.57
CA ILE A 91 27.12 -4.60 27.83
C ILE A 91 27.57 -3.15 27.64
N THR A 92 28.27 -2.84 26.52
CA THR A 92 28.71 -1.47 26.24
C THR A 92 27.67 -0.69 25.42
N THR A 93 26.56 -1.36 25.01
CA THR A 93 25.43 -0.85 24.20
C THR A 93 25.85 -0.48 22.76
N ILE A 94 27.05 -0.93 22.30
CA ILE A 94 27.53 -0.64 20.93
C ILE A 94 26.62 -1.38 19.94
N GLY A 95 26.44 -2.68 20.16
CA GLY A 95 25.58 -3.58 19.38
C GLY A 95 25.67 -3.42 17.88
N TYR A 96 26.84 -3.76 17.28
CA TYR A 96 27.06 -3.67 15.83
C TYR A 96 26.00 -4.44 15.07
N GLY A 97 25.70 -5.65 15.55
CA GLY A 97 24.72 -6.53 14.91
C GLY A 97 25.34 -7.39 13.83
N HIS A 98 26.69 -7.40 13.74
CA HIS A 98 27.47 -8.22 12.79
C HIS A 98 27.21 -9.71 13.09
N ALA A 99 27.02 -10.02 14.38
CA ALA A 99 26.66 -11.31 14.96
C ALA A 99 25.60 -11.02 16.02
N ALA A 100 24.42 -11.63 15.87
CA ALA A 100 23.30 -11.48 16.79
C ALA A 100 22.79 -12.88 17.18
N PRO A 101 22.17 -13.08 18.37
CA PRO A 101 21.75 -14.45 18.73
C PRO A 101 20.65 -15.00 17.82
N SER A 102 20.96 -16.10 17.14
CA SER A 102 20.05 -16.76 16.21
C SER A 102 19.07 -17.72 16.93
N THR A 103 19.45 -18.18 18.14
CA THR A 103 18.63 -19.09 18.96
C THR A 103 17.79 -18.35 20.01
N ASP A 104 16.66 -18.95 20.39
CA ASP A 104 15.74 -18.46 21.41
C ASP A 104 16.44 -18.35 22.79
N GLY A 105 17.29 -19.33 23.09
CA GLY A 105 18.07 -19.40 24.33
C GLY A 105 19.15 -18.34 24.37
N GLY A 106 19.70 -18.04 23.20
CA GLY A 106 20.70 -16.99 23.01
C GLY A 106 20.08 -15.64 23.23
N LYS A 107 18.90 -15.40 22.58
CA LYS A 107 18.12 -14.17 22.67
C LYS A 107 17.68 -13.87 24.11
N VAL A 108 17.25 -14.92 24.86
CA VAL A 108 16.81 -14.82 26.26
C VAL A 108 17.99 -14.51 27.18
N PHE A 109 19.10 -15.29 27.06
CA PHE A 109 20.29 -15.05 27.89
C PHE A 109 20.83 -13.66 27.65
N CYS A 110 20.81 -13.21 26.37
CA CYS A 110 21.25 -11.89 25.94
C CYS A 110 20.49 -10.76 26.67
N MET A 111 19.16 -10.93 26.86
CA MET A 111 18.31 -9.96 27.54
C MET A 111 18.65 -9.86 29.04
N PHE A 112 18.78 -11.00 29.74
CA PHE A 112 19.16 -11.03 31.15
C PHE A 112 20.58 -10.53 31.33
N TYR A 113 21.48 -10.86 30.38
CA TYR A 113 22.88 -10.48 30.35
C TYR A 113 23.04 -8.95 30.28
N ALA A 114 22.23 -8.31 29.42
CA ALA A 114 22.19 -6.86 29.22
C ALA A 114 21.59 -6.13 30.43
N LEU A 115 20.50 -6.68 31.00
CA LEU A 115 19.78 -6.14 32.15
C LEU A 115 20.69 -5.83 33.34
N LEU A 116 21.64 -6.73 33.66
CA LEU A 116 22.58 -6.59 34.76
C LEU A 116 23.92 -6.01 34.27
N GLY A 117 24.30 -6.37 33.05
CA GLY A 117 25.55 -5.99 32.41
C GLY A 117 25.72 -4.50 32.14
N ILE A 118 24.78 -3.91 31.36
CA ILE A 118 24.80 -2.49 30.98
C ILE A 118 25.00 -1.58 32.22
N PRO A 119 24.19 -1.70 33.33
CA PRO A 119 24.43 -0.84 34.51
C PRO A 119 25.79 -1.06 35.17
N LEU A 120 26.29 -2.32 35.19
CA LEU A 120 27.61 -2.68 35.73
C LEU A 120 28.74 -2.00 34.91
N THR A 121 28.62 -2.03 33.58
CA THR A 121 29.56 -1.44 32.61
C THR A 121 29.59 0.09 32.75
N LEU A 122 28.37 0.71 32.77
CA LEU A 122 28.15 2.16 32.92
C LEU A 122 28.74 2.70 34.21
N VAL A 123 28.52 1.98 35.33
CA VAL A 123 29.06 2.36 36.63
C VAL A 123 30.59 2.25 36.62
N MET A 124 31.13 1.14 36.06
CA MET A 124 32.56 0.86 35.91
C MET A 124 33.29 1.97 35.12
N PHE A 125 32.71 2.39 33.96
CA PHE A 125 33.29 3.43 33.13
C PHE A 125 33.25 4.80 33.79
N GLN A 126 32.20 5.09 34.57
CA GLN A 126 32.07 6.36 35.30
C GLN A 126 33.00 6.40 36.50
N SER A 127 33.21 5.24 37.15
CA SER A 127 34.12 5.11 38.30
C SER A 127 35.59 5.23 37.85
N LEU A 128 35.98 4.47 36.79
CA LEU A 128 37.34 4.50 36.24
C LEU A 128 37.61 5.84 35.56
N GLY A 129 36.56 6.42 34.97
CA GLY A 129 36.62 7.72 34.31
C GLY A 129 36.95 8.83 35.29
N GLU A 130 36.34 8.78 36.51
CA GLU A 130 36.55 9.72 37.61
C GLU A 130 37.99 9.60 38.12
N ARG A 131 38.49 8.34 38.29
CA ARG A 131 39.86 8.06 38.76
C ARG A 131 40.90 8.62 37.79
N ILE A 132 40.62 8.55 36.47
CA ILE A 132 41.49 9.09 35.42
C ILE A 132 41.52 10.63 35.51
N ASN A 133 40.35 11.27 35.72
CA ASN A 133 40.22 12.71 35.88
C ASN A 133 40.99 13.19 37.12
N THR A 134 40.87 12.45 38.24
CA THR A 134 41.56 12.74 39.52
C THR A 134 43.09 12.65 39.34
N LEU A 135 43.57 11.67 38.55
CA LEU A 135 44.99 11.49 38.24
C LEU A 135 45.50 12.64 37.37
N VAL A 136 44.74 13.00 36.32
CA VAL A 136 45.06 14.10 35.39
C VAL A 136 45.13 15.43 36.16
N ARG A 137 44.14 15.66 37.07
CA ARG A 137 44.06 16.85 37.92
C ARG A 137 45.27 16.92 38.85
N TYR A 138 45.74 15.75 39.34
CA TYR A 138 46.93 15.67 40.20
C TYR A 138 48.20 15.93 39.39
N LEU A 139 48.32 15.29 38.20
CA LEU A 139 49.47 15.44 37.30
C LEU A 139 49.66 16.89 36.85
N LEU A 140 48.53 17.56 36.49
CA LEU A 140 48.54 18.96 36.05
C LEU A 140 48.92 19.91 37.19
N HIS A 141 48.46 19.60 38.43
CA HIS A 141 48.78 20.38 39.62
C HIS A 141 50.27 20.27 39.95
N ARG A 142 50.84 19.05 39.85
CA ARG A 142 52.25 18.78 40.09
C ARG A 142 53.14 19.45 39.04
N ALA A 143 52.67 19.48 37.76
CA ALA A 143 53.35 20.10 36.62
C ALA A 143 53.40 21.63 36.75
N LYS A 144 52.25 22.25 37.15
CA LYS A 144 52.11 23.69 37.37
C LYS A 144 53.05 24.14 38.49
N LYS A 145 53.11 23.35 39.58
CA LYS A 145 53.97 23.55 40.75
C LYS A 145 55.45 23.39 40.35
N GLY A 146 55.70 22.44 39.43
CA GLY A 146 57.02 22.12 38.92
C GLY A 146 57.64 23.21 38.05
N LEU A 147 56.90 23.66 37.01
CA LEU A 147 57.34 24.69 36.08
C LEU A 147 57.50 26.08 36.74
N GLY A 148 56.62 26.40 37.68
CA GLY A 148 56.64 27.66 38.41
C GLY A 148 55.32 28.40 38.44
N ALA A 152 48.69 27.50 40.96
CA ALA A 152 48.92 26.06 40.82
C ALA A 152 47.60 25.27 40.68
N ASP A 153 46.47 25.87 41.10
CA ASP A 153 45.12 25.29 41.05
C ASP A 153 44.67 24.93 39.64
N VAL A 154 44.11 23.71 39.48
CA VAL A 154 43.62 23.17 38.22
C VAL A 154 42.16 23.59 38.04
N SER A 155 41.88 24.35 36.96
CA SER A 155 40.54 24.82 36.67
C SER A 155 39.72 23.81 35.88
N MET A 156 38.40 24.05 35.77
CA MET A 156 37.45 23.23 35.02
C MET A 156 37.79 23.32 33.51
N ALA A 157 38.12 24.55 33.06
CA ALA A 157 38.49 24.85 31.67
C ALA A 157 39.73 24.08 31.20
N ASN A 158 40.74 23.92 32.09
CA ASN A 158 41.97 23.15 31.82
C ASN A 158 41.63 21.68 31.65
N MET A 159 40.67 21.19 32.47
CA MET A 159 40.20 19.80 32.46
C MET A 159 39.41 19.46 31.20
N VAL A 160 38.57 20.40 30.73
CA VAL A 160 37.77 20.24 29.50
C VAL A 160 38.72 20.19 28.28
N LEU A 161 39.82 20.98 28.32
CA LEU A 161 40.82 21.02 27.26
C LEU A 161 41.60 19.70 27.15
N ILE A 162 42.12 19.19 28.28
CA ILE A 162 42.84 17.90 28.33
C ILE A 162 41.89 16.75 27.97
N GLY A 163 40.67 16.81 28.47
CA GLY A 163 39.63 15.82 28.21
C GLY A 163 39.29 15.72 26.73
N PHE A 164 39.04 16.88 26.09
CA PHE A 164 38.69 16.98 24.68
C PHE A 164 39.83 16.52 23.76
N PHE A 165 41.08 16.87 24.13
CA PHE A 165 42.28 16.48 23.38
C PHE A 165 42.55 14.99 23.48
N SER A 166 42.25 14.39 24.65
CA SER A 166 42.37 12.95 24.92
C SER A 166 41.43 12.19 23.99
N CYS A 167 40.21 12.74 23.78
CA CYS A 167 39.17 12.18 22.91
C CYS A 167 39.62 12.15 21.46
N ILE A 168 40.21 13.26 20.95
CA ILE A 168 40.71 13.30 19.57
C ILE A 168 41.93 12.38 19.42
N SER A 169 42.81 12.32 20.44
CA SER A 169 44.01 11.48 20.44
C SER A 169 43.64 10.00 20.39
N THR A 170 42.57 9.59 21.09
CA THR A 170 42.09 8.20 21.11
C THR A 170 41.45 7.84 19.76
N LEU A 171 40.73 8.78 19.12
CA LEU A 171 40.12 8.55 17.81
C LEU A 171 41.21 8.45 16.73
N CYS A 172 42.24 9.32 16.80
CA CYS A 172 43.34 9.37 15.82
C CYS A 172 44.31 8.17 15.93
N ILE A 173 44.64 7.70 17.18
CA ILE A 173 45.48 6.52 17.43
C ILE A 173 44.76 5.31 16.87
N GLY A 174 43.45 5.23 17.14
CA GLY A 174 42.58 4.16 16.66
C GLY A 174 42.49 4.11 15.16
N ALA A 175 42.21 5.27 14.53
CA ALA A 175 42.09 5.43 13.08
C ALA A 175 43.34 4.95 12.36
N ALA A 176 44.54 5.34 12.85
CA ALA A 176 45.84 4.95 12.29
C ALA A 176 46.02 3.43 12.36
N ALA A 177 45.63 2.82 13.48
CA ALA A 177 45.75 1.38 13.70
C ALA A 177 44.72 0.56 12.89
N PHE A 178 43.45 1.00 12.85
CA PHE A 178 42.39 0.30 12.11
C PHE A 178 42.46 0.49 10.59
N SER A 179 42.96 1.65 10.11
CA SER A 179 43.12 1.88 8.68
C SER A 179 44.24 0.99 8.11
N HIS A 180 45.14 0.51 8.99
CA HIS A 180 46.26 -0.37 8.65
C HIS A 180 45.83 -1.84 8.57
N TYR A 181 45.23 -2.36 9.67
CA TYR A 181 44.82 -3.77 9.78
C TYR A 181 43.53 -4.10 9.03
N GLU A 182 42.60 -3.14 8.89
CA GLU A 182 41.35 -3.37 8.15
C GLU A 182 41.42 -2.90 6.69
N HIS A 183 42.56 -2.30 6.28
CA HIS A 183 42.78 -1.74 4.94
C HIS A 183 41.67 -0.74 4.53
N TRP A 184 41.25 0.11 5.49
CA TRP A 184 40.26 1.17 5.33
C TRP A 184 41.04 2.47 5.18
N THR A 185 40.38 3.54 4.72
CA THR A 185 41.04 4.85 4.62
C THR A 185 41.02 5.44 6.05
N PHE A 186 41.93 6.38 6.38
CA PHE A 186 41.98 6.99 7.72
C PHE A 186 40.62 7.56 8.10
N PHE A 187 39.94 8.22 7.14
CA PHE A 187 38.60 8.79 7.33
C PHE A 187 37.56 7.71 7.71
N GLN A 188 37.56 6.55 7.01
CA GLN A 188 36.65 5.42 7.27
C GLN A 188 36.90 4.85 8.66
N ALA A 189 38.19 4.57 8.99
CA ALA A 189 38.63 4.05 10.29
C ALA A 189 38.31 5.05 11.43
N TYR A 190 38.42 6.37 11.15
CA TYR A 190 38.10 7.45 12.10
C TYR A 190 36.60 7.44 12.38
N TYR A 191 35.78 7.32 11.32
CA TYR A 191 34.32 7.26 11.37
C TYR A 191 33.88 6.03 12.17
N TYR A 192 34.59 4.89 11.97
CA TYR A 192 34.33 3.65 12.70
C TYR A 192 34.61 3.85 14.19
N CYS A 193 35.76 4.47 14.53
CA CYS A 193 36.16 4.75 15.91
C CYS A 193 35.19 5.70 16.61
N PHE A 194 34.67 6.71 15.87
CA PHE A 194 33.70 7.65 16.40
C PHE A 194 32.37 6.92 16.71
N ILE A 195 31.83 6.15 15.75
CA ILE A 195 30.57 5.42 15.87
C ILE A 195 30.67 4.29 16.95
N THR A 196 31.88 3.73 17.17
CA THR A 196 32.11 2.71 18.20
C THR A 196 32.10 3.33 19.59
N LEU A 197 32.98 4.32 19.84
CA LEU A 197 33.18 4.97 21.14
C LEU A 197 32.01 5.88 21.58
N THR A 198 31.03 6.15 20.69
CA THR A 198 29.82 6.91 21.06
C THR A 198 28.66 5.93 21.33
N THR A 199 28.94 4.61 21.17
CA THR A 199 28.06 3.45 21.34
C THR A 199 26.90 3.42 20.33
N ILE A 200 27.03 4.16 19.21
CA ILE A 200 26.02 4.18 18.14
C ILE A 200 26.05 2.80 17.48
N GLY A 201 27.25 2.37 17.06
CA GLY A 201 27.52 1.08 16.46
C GLY A 201 26.56 0.63 15.37
N PHE A 202 26.55 1.35 14.23
CA PHE A 202 25.70 1.03 13.08
C PHE A 202 26.00 -0.39 12.59
N GLY A 203 27.28 -0.74 12.48
CA GLY A 203 27.71 -2.04 12.02
C GLY A 203 28.15 -2.05 10.57
N ASP A 204 28.16 -0.86 9.92
CA ASP A 204 28.57 -0.69 8.53
C ASP A 204 30.09 -0.92 8.36
N TYR A 205 30.82 -0.69 9.46
CA TYR A 205 32.27 -0.93 9.62
C TYR A 205 32.39 -1.66 10.96
N VAL A 206 32.98 -2.88 10.96
CA VAL A 206 33.17 -3.71 12.15
C VAL A 206 34.57 -4.32 12.09
N ALA A 207 35.38 -4.12 13.13
CA ALA A 207 36.74 -4.68 13.20
C ALA A 207 36.67 -6.19 13.45
N LEU A 208 37.75 -6.92 13.11
CA LEU A 208 37.92 -8.38 13.26
C LEU A 208 36.96 -9.20 12.35
N GLN A 209 36.58 -8.65 11.18
CA GLN A 209 35.67 -9.33 10.25
C GLN A 209 36.32 -9.72 8.92
N LYS A 210 37.64 -9.50 8.78
CA LYS A 210 38.41 -9.82 7.57
C LYS A 210 39.48 -10.87 7.85
N ASP A 211 39.70 -11.76 6.86
CA ASP A 211 40.70 -12.84 6.87
C ASP A 211 40.68 -13.72 8.14
N GLN A 212 39.46 -14.03 8.66
CA GLN A 212 39.21 -14.87 9.85
C GLN A 212 40.02 -14.40 11.08
N ALA A 213 40.12 -13.07 11.27
CA ALA A 213 40.86 -12.40 12.33
C ALA A 213 40.56 -12.92 13.73
N LEU A 214 39.28 -13.19 14.03
CA LEU A 214 38.83 -13.71 15.34
C LEU A 214 39.49 -15.03 15.71
N GLN A 215 39.79 -15.88 14.71
CA GLN A 215 40.40 -17.19 14.93
C GLN A 215 41.89 -17.27 14.57
N THR A 216 42.37 -16.48 13.59
CA THR A 216 43.76 -16.54 13.11
C THR A 216 44.71 -15.42 13.62
N GLN A 217 44.18 -14.25 14.02
CA GLN A 217 45.01 -13.11 14.47
C GLN A 217 44.74 -12.75 15.96
N PRO A 218 45.29 -13.52 16.94
CA PRO A 218 45.00 -13.21 18.36
C PRO A 218 45.53 -11.88 18.87
N GLN A 219 46.70 -11.45 18.36
CA GLN A 219 47.36 -10.20 18.74
C GLN A 219 46.48 -8.99 18.40
N TYR A 220 45.95 -8.94 17.16
CA TYR A 220 45.07 -7.87 16.69
C TYR A 220 43.72 -7.87 17.43
N VAL A 221 43.20 -9.08 17.75
CA VAL A 221 41.96 -9.27 18.52
C VAL A 221 42.15 -8.69 19.93
N ALA A 222 43.32 -8.96 20.56
CA ALA A 222 43.68 -8.45 21.87
C ALA A 222 43.74 -6.92 21.87
N PHE A 223 44.35 -6.31 20.83
CA PHE A 223 44.43 -4.85 20.67
C PHE A 223 43.04 -4.23 20.53
N SER A 224 42.17 -4.82 19.67
CA SER A 224 40.81 -4.33 19.41
C SER A 224 39.92 -4.35 20.65
N PHE A 225 40.10 -5.34 21.54
CA PHE A 225 39.36 -5.46 22.79
C PHE A 225 39.81 -4.37 23.77
N VAL A 226 41.14 -4.19 23.89
CA VAL A 226 41.80 -3.21 24.76
C VAL A 226 41.47 -1.78 24.29
N TYR A 227 41.47 -1.52 22.96
CA TYR A 227 41.13 -0.19 22.41
C TYR A 227 39.69 0.20 22.70
N ILE A 228 38.72 -0.71 22.43
CA ILE A 228 37.29 -0.45 22.65
C ILE A 228 37.04 -0.10 24.12
N LEU A 229 37.60 -0.90 25.05
CA LEU A 229 37.45 -0.69 26.49
C LEU A 229 38.17 0.56 26.99
N THR A 230 39.44 0.80 26.61
CA THR A 230 40.16 2.02 27.04
C THR A 230 39.58 3.28 26.42
N GLY A 231 39.22 3.20 25.14
CA GLY A 231 38.59 4.28 24.38
C GLY A 231 37.28 4.74 25.01
N LEU A 232 36.45 3.78 25.46
CA LEU A 232 35.18 4.06 26.13
C LEU A 232 35.40 4.69 27.50
N THR A 233 36.55 4.39 28.14
CA THR A 233 36.91 4.98 29.43
C THR A 233 37.28 6.45 29.24
N VAL A 234 37.97 6.77 28.13
CA VAL A 234 38.38 8.14 27.76
C VAL A 234 37.12 9.01 27.51
N ILE A 235 36.14 8.49 26.73
CA ILE A 235 34.88 9.20 26.47
C ILE A 235 34.05 9.27 27.75
N GLY A 236 34.02 8.15 28.50
CA GLY A 236 33.32 8.04 29.80
C GLY A 236 33.80 9.06 30.81
N ALA A 237 35.13 9.33 30.85
CA ALA A 237 35.76 10.32 31.73
C ALA A 237 35.33 11.74 31.36
N PHE A 238 35.13 12.00 30.03
CA PHE A 238 34.71 13.31 29.51
C PHE A 238 33.25 13.62 29.85
N LEU A 239 32.37 12.61 29.77
CA LEU A 239 30.96 12.77 30.13
C LEU A 239 30.85 12.95 31.65
N ASN A 240 31.70 12.22 32.42
CA ASN A 240 31.78 12.31 33.88
C ASN A 240 32.12 13.73 34.32
N LEU A 241 32.97 14.40 33.54
CA LEU A 241 33.45 15.76 33.77
C LEU A 241 32.47 16.85 33.28
N VAL A 242 31.94 16.70 32.05
CA VAL A 242 31.12 17.72 31.39
C VAL A 242 29.60 17.48 31.45
N VAL A 243 29.13 16.31 30.99
CA VAL A 243 27.71 15.99 30.83
C VAL A 243 26.98 15.57 32.13
N LEU A 244 27.53 14.58 32.89
CA LEU A 244 26.93 14.00 34.11
C LEU A 244 26.31 15.01 35.08
N ARG A 245 26.98 16.17 35.32
CA ARG A 245 26.50 17.23 36.23
C ARG A 245 25.09 17.76 35.91
N PHE A 246 24.70 17.79 34.62
CA PHE A 246 23.42 18.30 34.15
C PHE A 246 22.27 17.30 34.31
N MET A 247 22.59 16.00 34.47
CA MET A 247 21.59 14.93 34.62
C MET A 247 21.03 14.87 36.04
N THR A 248 21.83 15.30 37.04
CA THR A 248 21.48 15.32 38.45
C THR A 248 20.94 16.70 38.88
N MET A 249 20.99 17.70 37.95
CA MET A 249 20.56 19.10 38.15
C MET A 249 19.11 19.26 38.59
N ASN A 250 18.20 18.40 38.08
CA ASN A 250 16.76 18.41 38.42
C ASN A 250 16.57 17.98 39.86
N ALA A 251 17.30 16.93 40.29
CA ALA A 251 17.29 16.37 41.64
C ALA A 251 17.88 17.36 42.63
N GLU A 252 18.91 18.13 42.20
CA GLU A 252 19.57 19.16 43.01
C GLU A 252 18.64 20.34 43.25
N ASP A 253 17.91 20.76 42.21
CA ASP A 253 16.93 21.84 42.25
C ASP A 253 15.69 21.49 43.11
N GLU A 254 15.23 20.21 43.02
CA GLU A 254 14.07 19.68 43.78
C GLU A 254 14.40 19.63 45.27
N LYS A 255 15.66 19.27 45.61
CA LYS A 255 16.16 19.21 46.99
C LYS A 255 16.24 20.63 47.56
N ARG A 256 16.67 21.62 46.73
CA ARG A 256 16.77 23.04 47.08
C ARG A 256 15.39 23.64 47.34
N ASP A 257 14.36 23.16 46.62
CA ASP A 257 12.96 23.60 46.76
C ASP A 257 12.41 23.24 48.14
N ALA A 258 12.69 22.00 48.61
CA ALA A 258 12.28 21.50 49.93
C ALA A 258 13.09 22.16 51.04
N GLU A 259 14.36 22.49 50.75
CA GLU A 259 15.32 23.15 51.64
C GLU A 259 14.87 24.56 52.05
N ASN A 260 14.38 25.36 51.07
CA ASN A 260 13.89 26.72 51.30
C ASN A 260 12.50 26.70 51.94
N LEU A 261 11.54 25.98 51.33
CA LEU A 261 10.17 25.85 51.82
C LEU A 261 10.10 24.93 53.04
N MET B 1 44.13 0.94 51.38
CA MET B 1 43.66 1.53 50.12
C MET B 1 42.34 2.28 50.31
N LYS B 2 42.22 3.47 49.68
CA LYS B 2 41.03 4.34 49.71
C LYS B 2 39.79 3.61 49.17
N ARG B 3 38.59 3.95 49.70
CA ARG B 3 37.31 3.37 49.30
C ARG B 3 37.04 3.47 47.79
N GLN B 4 37.41 4.64 47.18
CA GLN B 4 37.26 4.93 45.75
C GLN B 4 38.04 3.94 44.90
N ASN B 5 39.31 3.68 45.28
CA ASN B 5 40.22 2.77 44.57
C ASN B 5 39.81 1.31 44.70
N VAL B 6 39.26 0.90 45.86
CA VAL B 6 38.78 -0.47 46.09
C VAL B 6 37.53 -0.71 45.22
N ARG B 7 36.59 0.26 45.22
CA ARG B 7 35.33 0.24 44.46
C ARG B 7 35.58 0.14 42.94
N THR B 8 36.51 0.96 42.40
CA THR B 8 36.87 0.99 40.99
C THR B 8 37.53 -0.33 40.56
N LEU B 9 38.50 -0.84 41.36
CA LEU B 9 39.17 -2.12 41.08
C LEU B 9 38.19 -3.30 41.12
N ALA B 10 37.21 -3.27 42.05
CA ALA B 10 36.16 -4.29 42.19
C ALA B 10 35.31 -4.32 40.92
N LEU B 11 34.92 -3.12 40.40
CA LEU B 11 34.12 -2.96 39.18
C LEU B 11 34.84 -3.46 37.92
N ILE B 12 36.17 -3.25 37.83
CA ILE B 12 37.00 -3.70 36.69
C ILE B 12 37.05 -5.24 36.70
N VAL B 13 37.31 -5.84 37.88
CA VAL B 13 37.34 -7.29 38.07
C VAL B 13 35.95 -7.90 37.75
N CYS B 14 34.88 -7.21 38.19
CA CYS B 14 33.48 -7.62 37.95
C CYS B 14 33.15 -7.66 36.45
N THR B 15 33.45 -6.56 35.72
CA THR B 15 33.18 -6.43 34.29
C THR B 15 33.93 -7.49 33.47
N PHE B 16 35.24 -7.68 33.72
CA PHE B 16 36.04 -8.66 33.00
C PHE B 16 35.59 -10.10 33.24
N THR B 17 35.21 -10.45 34.49
CA THR B 17 34.70 -11.79 34.81
C THR B 17 33.32 -12.00 34.21
N TYR B 18 32.50 -10.92 34.13
CA TYR B 18 31.16 -10.93 33.54
C TYR B 18 31.28 -11.16 32.02
N LEU B 19 32.37 -10.64 31.40
CA LEU B 19 32.66 -10.81 29.98
C LEU B 19 33.08 -12.26 29.68
N LEU B 20 33.93 -12.86 30.54
CA LEU B 20 34.40 -14.24 30.41
C LEU B 20 33.25 -15.23 30.60
N VAL B 21 32.39 -14.98 31.61
CA VAL B 21 31.21 -15.81 31.90
C VAL B 21 30.20 -15.69 30.73
N GLY B 22 30.02 -14.48 30.22
CA GLY B 22 29.15 -14.21 29.09
C GLY B 22 29.62 -14.93 27.82
N ALA B 23 30.92 -14.79 27.49
CA ALA B 23 31.57 -15.46 26.35
C ALA B 23 31.45 -16.98 26.44
N ALA B 24 31.51 -17.53 27.67
CA ALA B 24 31.39 -18.97 27.92
C ALA B 24 29.97 -19.45 27.64
N VAL B 25 28.95 -18.68 28.06
CA VAL B 25 27.53 -19.03 27.87
C VAL B 25 27.12 -18.90 26.39
N PHE B 26 27.45 -17.76 25.74
CA PHE B 26 27.12 -17.55 24.32
C PHE B 26 27.74 -18.59 23.40
N ASP B 27 28.92 -19.14 23.80
CA ASP B 27 29.63 -20.22 23.10
C ASP B 27 28.77 -21.49 23.19
N ALA B 28 28.31 -21.83 24.41
CA ALA B 28 27.47 -23.01 24.70
C ALA B 28 26.12 -22.98 23.97
N LEU B 29 25.56 -21.78 23.79
CA LEU B 29 24.26 -21.61 23.14
C LEU B 29 24.32 -21.45 21.61
N GLU B 30 25.33 -20.71 21.09
CA GLU B 30 25.37 -20.36 19.67
C GLU B 30 26.41 -21.05 18.76
N SER B 31 27.53 -21.58 19.31
CA SER B 31 28.59 -22.21 18.52
C SER B 31 28.13 -23.36 17.62
N GLU B 32 27.51 -24.40 18.19
CA GLU B 32 27.01 -25.56 17.44
C GLU B 32 25.91 -25.18 16.43
N PRO B 33 24.82 -24.43 16.80
CA PRO B 33 23.82 -24.04 15.79
C PRO B 33 24.39 -23.29 14.58
N GLU B 34 25.42 -22.43 14.81
CA GLU B 34 26.11 -21.65 13.78
C GLU B 34 26.85 -22.57 12.81
N LEU B 35 27.56 -23.60 13.33
CA LEU B 35 28.30 -24.58 12.53
C LEU B 35 27.34 -25.39 11.66
N ILE B 36 26.19 -25.78 12.24
CA ILE B 36 25.14 -26.52 11.54
C ILE B 36 24.54 -25.66 10.42
N GLU B 37 24.20 -24.40 10.72
CA GLU B 37 23.65 -23.47 9.73
C GLU B 37 24.63 -23.11 8.61
N ARG B 38 25.93 -22.96 8.94
CA ARG B 38 26.96 -22.65 7.94
C ARG B 38 27.09 -23.79 6.95
N GLN B 39 27.21 -25.04 7.46
CA GLN B 39 27.33 -26.26 6.67
C GLN B 39 26.14 -26.41 5.72
N ARG B 40 24.93 -26.12 6.23
CA ARG B 40 23.64 -26.19 5.53
C ARG B 40 23.59 -25.16 4.39
N LEU B 41 24.05 -23.92 4.64
CA LEU B 41 24.04 -22.88 3.62
C LEU B 41 25.11 -23.12 2.55
N GLU B 42 26.24 -23.77 2.93
CA GLU B 42 27.35 -24.09 2.01
C GLU B 42 26.94 -25.11 0.96
N LEU B 43 25.91 -25.90 1.27
CA LEU B 43 25.34 -26.92 0.40
C LEU B 43 24.34 -26.29 -0.56
N ARG B 44 23.46 -25.39 -0.04
CA ARG B 44 22.44 -24.68 -0.82
C ARG B 44 23.11 -23.76 -1.86
N GLN B 45 24.25 -23.14 -1.49
CA GLN B 45 25.04 -22.26 -2.36
C GLN B 45 25.61 -23.04 -3.55
N GLN B 46 26.11 -24.28 -3.30
CA GLN B 46 26.66 -25.16 -4.31
C GLN B 46 25.57 -25.68 -5.24
N GLU B 47 24.40 -26.06 -4.67
CA GLU B 47 23.23 -26.59 -5.40
C GLU B 47 22.63 -25.54 -6.33
N LEU B 48 22.52 -24.28 -5.85
CA LEU B 48 21.98 -23.17 -6.65
C LEU B 48 22.95 -22.70 -7.73
N ARG B 49 24.27 -22.77 -7.46
CA ARG B 49 25.31 -22.42 -8.44
C ARG B 49 25.32 -23.44 -9.59
N ALA B 50 25.01 -24.70 -9.29
CA ALA B 50 24.96 -25.78 -10.28
C ALA B 50 23.68 -25.68 -11.10
N ARG B 51 22.54 -25.38 -10.43
CA ARG B 51 21.21 -25.28 -11.03
C ARG B 51 21.08 -24.17 -12.08
N TYR B 52 21.74 -23.01 -11.84
CA TYR B 52 21.67 -21.86 -12.74
C TYR B 52 23.00 -21.59 -13.48
N ASN B 53 23.85 -22.65 -13.61
CA ASN B 53 25.15 -22.66 -14.28
C ASN B 53 25.99 -21.41 -13.97
N LEU B 54 26.39 -21.28 -12.69
CA LEU B 54 27.16 -20.14 -12.18
C LEU B 54 28.56 -20.54 -11.72
N SER B 55 29.56 -19.80 -12.22
CA SER B 55 30.97 -20.00 -11.88
C SER B 55 31.29 -19.29 -10.55
N GLN B 56 32.56 -19.37 -10.10
CA GLN B 56 33.03 -18.72 -8.88
C GLN B 56 32.92 -17.19 -9.01
N GLY B 57 33.29 -16.67 -10.19
CA GLY B 57 33.22 -15.26 -10.52
C GLY B 57 31.80 -14.77 -10.78
N GLY B 58 30.98 -15.64 -11.37
CA GLY B 58 29.59 -15.35 -11.68
C GLY B 58 28.75 -15.15 -10.44
N TYR B 59 28.96 -16.01 -9.42
CA TYR B 59 28.28 -15.93 -8.14
C TYR B 59 28.72 -14.70 -7.38
N GLU B 60 30.06 -14.42 -7.36
CA GLU B 60 30.67 -13.26 -6.70
C GLU B 60 30.13 -11.93 -7.21
N GLU B 61 29.91 -11.79 -8.54
CA GLU B 61 29.36 -10.59 -9.20
C GLU B 61 27.91 -10.39 -8.76
N LEU B 62 27.15 -11.50 -8.65
CA LEU B 62 25.74 -11.51 -8.22
C LEU B 62 25.63 -11.26 -6.71
N GLU B 63 26.68 -11.65 -5.96
CA GLU B 63 26.80 -11.51 -4.50
C GLU B 63 26.90 -10.03 -4.13
N ARG B 64 27.67 -9.24 -4.90
CA ARG B 64 27.87 -7.81 -4.68
C ARG B 64 26.58 -7.01 -4.87
N VAL B 65 25.76 -7.37 -5.89
CA VAL B 65 24.49 -6.70 -6.21
C VAL B 65 23.43 -6.92 -5.12
N VAL B 66 23.24 -8.19 -4.68
CA VAL B 66 22.28 -8.60 -3.65
C VAL B 66 22.53 -7.85 -2.32
N LEU B 67 23.82 -7.77 -1.91
CA LEU B 67 24.24 -7.10 -0.68
C LEU B 67 24.05 -5.58 -0.75
N ARG B 68 24.38 -4.96 -1.91
CA ARG B 68 24.23 -3.52 -2.12
C ARG B 68 22.76 -3.09 -2.23
N LEU B 69 21.88 -4.00 -2.70
CA LEU B 69 20.44 -3.73 -2.85
C LEU B 69 19.64 -3.88 -1.54
N LYS B 70 20.23 -4.53 -0.50
CA LYS B 70 19.61 -4.77 0.80
C LYS B 70 19.00 -3.49 1.45
N PRO B 71 19.71 -2.33 1.57
CA PRO B 71 19.07 -1.15 2.18
C PRO B 71 17.95 -0.55 1.34
N HIS B 72 18.03 -0.74 0.00
CA HIS B 72 17.04 -0.26 -0.97
C HIS B 72 15.79 -1.13 -0.95
N LYS B 73 15.95 -2.45 -0.65
CA LYS B 73 14.89 -3.47 -0.61
C LYS B 73 13.71 -3.09 0.31
N ALA B 74 14.02 -2.50 1.50
CA ALA B 74 13.03 -2.03 2.48
C ALA B 74 12.23 -0.83 1.95
N GLY B 75 12.84 -0.07 1.05
CA GLY B 75 12.27 1.11 0.41
C GLY B 75 13.17 2.32 0.54
N VAL B 76 12.61 3.52 0.31
CA VAL B 76 13.31 4.81 0.43
C VAL B 76 13.54 5.07 1.93
N GLN B 77 14.82 5.08 2.32
CA GLN B 77 15.29 5.25 3.69
C GLN B 77 15.76 6.67 3.98
N TRP B 78 15.80 7.55 2.97
CA TRP B 78 16.38 8.86 3.19
C TRP B 78 15.48 10.07 2.91
N ARG B 79 14.15 9.91 2.71
CA ARG B 79 13.30 11.09 2.56
C ARG B 79 13.06 11.69 3.97
N PHE B 80 12.10 12.61 4.18
CA PHE B 80 11.93 13.22 5.50
C PHE B 80 11.67 12.21 6.63
N ALA B 81 10.76 11.25 6.45
CA ALA B 81 10.45 10.23 7.48
C ALA B 81 11.65 9.34 7.86
N GLY B 82 12.34 8.81 6.84
CA GLY B 82 13.50 7.94 6.98
C GLY B 82 14.71 8.61 7.61
N SER B 83 14.91 9.90 7.27
CA SER B 83 15.99 10.75 7.80
C SER B 83 15.72 11.10 9.27
N PHE B 84 14.42 11.24 9.63
CA PHE B 84 13.99 11.53 11.01
C PHE B 84 14.20 10.29 11.87
N TYR B 85 13.85 9.10 11.33
CA TYR B 85 14.02 7.79 11.97
C TYR B 85 15.52 7.57 12.20
N PHE B 86 16.37 7.90 11.20
CA PHE B 86 17.82 7.80 11.28
C PHE B 86 18.37 8.79 12.31
N ALA B 87 17.85 10.04 12.32
CA ALA B 87 18.26 11.08 13.28
C ALA B 87 17.99 10.59 14.69
N ILE B 88 16.87 9.84 14.92
CA ILE B 88 16.53 9.24 16.21
C ILE B 88 17.62 8.25 16.63
N THR B 89 17.96 7.27 15.76
CA THR B 89 18.97 6.23 16.00
C THR B 89 20.36 6.78 16.34
N VAL B 90 20.73 7.96 15.78
CA VAL B 90 22.02 8.60 16.03
C VAL B 90 22.10 9.21 17.45
N ILE B 91 21.24 10.19 17.74
CA ILE B 91 21.25 10.94 19.00
C ILE B 91 20.85 10.07 20.22
N THR B 92 20.08 8.99 20.01
CA THR B 92 19.69 8.10 21.11
C THR B 92 20.70 6.95 21.29
N THR B 93 21.74 6.88 20.43
CA THR B 93 22.82 5.87 20.39
C THR B 93 22.31 4.45 20.06
N ILE B 94 21.06 4.31 19.55
CA ILE B 94 20.49 3.01 19.17
C ILE B 94 21.29 2.45 17.98
N GLY B 95 21.42 3.27 16.93
CA GLY B 95 22.16 2.99 15.70
C GLY B 95 21.96 1.60 15.12
N TYR B 96 20.74 1.30 14.63
CA TYR B 96 20.42 0.00 14.04
C TYR B 96 21.37 -0.35 12.90
N GLY B 97 21.65 0.65 12.06
CA GLY B 97 22.52 0.51 10.90
C GLY B 97 21.77 0.03 9.67
N HIS B 98 20.42 0.00 9.72
CA HIS B 98 19.53 -0.39 8.62
C HIS B 98 19.73 0.58 7.43
N ALA B 99 20.00 1.84 7.78
CA ALA B 99 20.32 2.97 6.91
C ALA B 99 21.47 3.73 7.60
N ALA B 100 22.59 3.85 6.90
CA ALA B 100 23.79 4.54 7.36
C ALA B 100 24.23 5.52 6.26
N PRO B 101 24.91 6.65 6.59
CA PRO B 101 25.29 7.61 5.55
C PRO B 101 26.27 7.04 4.53
N SER B 102 25.84 7.01 3.26
CA SER B 102 26.62 6.49 2.14
C SER B 102 27.62 7.53 1.60
N THR B 103 27.36 8.83 1.84
CA THR B 103 28.23 9.93 1.37
C THR B 103 29.18 10.39 2.47
N ASP B 104 30.34 10.92 2.06
CA ASP B 104 31.37 11.46 2.94
C ASP B 104 30.86 12.67 3.74
N GLY B 105 30.03 13.50 3.11
CA GLY B 105 29.39 14.65 3.72
C GLY B 105 28.38 14.23 4.77
N GLY B 106 27.63 13.16 4.45
CA GLY B 106 26.66 12.55 5.35
C GLY B 106 27.34 12.01 6.60
N LYS B 107 28.44 11.25 6.39
CA LYS B 107 29.28 10.68 7.45
C LYS B 107 29.86 11.76 8.36
N VAL B 108 30.31 12.89 7.78
CA VAL B 108 30.88 14.04 8.50
C VAL B 108 29.81 14.76 9.32
N PHE B 109 28.66 15.12 8.69
CA PHE B 109 27.56 15.79 9.38
C PHE B 109 27.06 14.92 10.52
N CYS B 110 26.98 13.58 10.33
CA CYS B 110 26.55 12.62 11.35
C CYS B 110 27.46 12.68 12.59
N MET B 111 28.78 12.83 12.39
CA MET B 111 29.74 12.92 13.49
C MET B 111 29.53 14.19 14.34
N PHE B 112 29.40 15.36 13.68
CA PHE B 112 29.14 16.64 14.37
C PHE B 112 27.74 16.62 15.01
N TYR B 113 26.76 15.99 14.33
CA TYR B 113 25.37 15.84 14.77
C TYR B 113 25.29 15.03 16.06
N ALA B 114 26.07 13.93 16.15
CA ALA B 114 26.16 13.03 17.31
C ALA B 114 26.90 13.69 18.47
N LEU B 115 27.98 14.45 18.18
CA LEU B 115 28.82 15.15 19.17
C LEU B 115 28.01 16.05 20.11
N LEU B 116 27.04 16.79 19.56
CA LEU B 116 26.18 17.70 20.30
C LEU B 116 24.83 17.05 20.64
N GLY B 117 24.33 16.19 19.76
CA GLY B 117 23.06 15.49 19.92
C GLY B 117 22.98 14.51 21.06
N ILE B 118 23.88 13.52 21.12
CA ILE B 118 23.93 12.50 22.17
C ILE B 118 23.89 13.14 23.58
N PRO B 119 24.76 14.14 23.94
CA PRO B 119 24.63 14.73 25.29
C PRO B 119 23.27 15.39 25.53
N LEU B 120 22.76 16.14 24.52
CA LEU B 120 21.45 16.80 24.57
C LEU B 120 20.32 15.80 24.86
N THR B 121 20.29 14.66 24.13
CA THR B 121 19.29 13.59 24.26
C THR B 121 19.41 12.87 25.61
N LEU B 122 20.65 12.58 26.04
CA LEU B 122 20.97 11.93 27.32
C LEU B 122 20.48 12.78 28.50
N VAL B 123 20.80 14.10 28.48
CA VAL B 123 20.40 15.06 29.52
C VAL B 123 18.87 15.20 29.55
N MET B 124 18.23 15.30 28.35
CA MET B 124 16.78 15.41 28.16
C MET B 124 16.04 14.23 28.78
N PHE B 125 16.53 12.99 28.55
CA PHE B 125 15.91 11.79 29.09
C PHE B 125 16.05 11.67 30.60
N GLN B 126 17.20 12.14 31.14
CA GLN B 126 17.42 12.12 32.59
C GLN B 126 16.59 13.20 33.29
N SER B 127 16.41 14.36 32.62
CA SER B 127 15.62 15.49 33.11
C SER B 127 14.13 15.13 33.10
N LEU B 128 13.60 14.62 31.96
CA LEU B 128 12.20 14.20 31.82
C LEU B 128 11.91 12.97 32.69
N GLY B 129 12.91 12.10 32.82
CA GLY B 129 12.85 10.91 33.66
C GLY B 129 12.63 11.24 35.12
N GLU B 130 13.36 12.28 35.61
CA GLU B 130 13.28 12.80 36.97
C GLU B 130 11.90 13.40 37.22
N ARG B 131 11.37 14.19 36.25
CA ARG B 131 10.05 14.84 36.33
C ARG B 131 8.94 13.80 36.42
N ILE B 132 9.09 12.66 35.71
CA ILE B 132 8.15 11.55 35.73
C ILE B 132 8.15 10.88 37.11
N ASN B 133 9.34 10.65 37.69
CA ASN B 133 9.52 10.07 39.03
C ASN B 133 8.91 10.98 40.09
N THR B 134 9.13 12.32 39.98
CA THR B 134 8.58 13.34 40.90
C THR B 134 7.04 13.35 40.84
N LEU B 135 6.46 13.17 39.65
CA LEU B 135 5.01 13.10 39.44
C LEU B 135 4.44 11.82 40.06
N VAL B 136 5.10 10.67 39.80
CA VAL B 136 4.72 9.35 40.33
C VAL B 136 4.77 9.37 41.88
N ARG B 137 5.86 9.96 42.44
CA ARG B 137 6.07 10.11 43.87
C ARG B 137 4.97 10.99 44.48
N TYR B 138 4.50 12.02 43.73
CA TYR B 138 3.42 12.90 44.17
C TYR B 138 2.08 12.17 44.11
N LEU B 139 1.81 11.44 43.00
CA LEU B 139 0.58 10.69 42.78
C LEU B 139 0.40 9.59 43.84
N LEU B 140 1.50 8.87 44.17
CA LEU B 140 1.50 7.81 45.17
C LEU B 140 1.28 8.37 46.57
N HIS B 141 1.84 9.57 46.88
CA HIS B 141 1.69 10.26 48.15
C HIS B 141 0.24 10.71 48.33
N ARG B 142 -0.38 11.25 47.26
CA ARG B 142 -1.78 11.68 47.25
C ARG B 142 -2.74 10.49 47.40
N ALA B 143 -2.40 9.34 46.79
CA ALA B 143 -3.18 8.09 46.85
C ALA B 143 -3.14 7.48 48.25
N LYS B 144 -1.94 7.44 48.89
CA LYS B 144 -1.71 6.94 50.25
C LYS B 144 -2.51 7.77 51.26
N LYS B 145 -2.51 9.11 51.06
CA LYS B 145 -3.24 10.10 51.87
C LYS B 145 -4.75 9.93 51.65
N GLY B 146 -5.13 9.56 50.41
CA GLY B 146 -6.51 9.33 50.00
C GLY B 146 -7.14 8.09 50.62
N LEU B 147 -6.47 6.92 50.49
CA LEU B 147 -6.94 5.64 51.04
C LEU B 147 -7.00 5.61 52.57
N GLY B 148 -6.03 6.27 53.23
CA GLY B 148 -5.99 6.35 54.68
C GLY B 148 -4.64 6.05 55.30
N MET B 149 -3.85 7.12 55.54
CA MET B 149 -2.50 7.08 56.12
C MET B 149 -2.14 8.42 56.76
N ALA B 152 2.17 7.96 55.01
CA ALA B 152 1.90 8.57 53.69
C ALA B 152 3.14 8.74 52.84
N ASP B 153 4.34 8.71 53.47
CA ASP B 153 5.65 8.86 52.84
C ASP B 153 5.93 7.78 51.81
N VAL B 154 6.43 8.19 50.63
CA VAL B 154 6.77 7.32 49.50
C VAL B 154 8.21 6.85 49.67
N SER B 155 8.40 5.54 49.81
CA SER B 155 9.72 4.94 50.00
C SER B 155 10.42 4.68 48.67
N MET B 156 11.73 4.37 48.74
CA MET B 156 12.56 4.04 47.59
C MET B 156 12.08 2.71 46.99
N ALA B 157 11.73 1.75 47.87
CA ALA B 157 11.24 0.41 47.51
C ALA B 157 9.94 0.46 46.70
N ASN B 158 9.03 1.41 47.04
CA ASN B 158 7.76 1.62 46.32
C ASN B 158 8.05 2.15 44.91
N MET B 159 9.07 3.02 44.80
CA MET B 159 9.50 3.64 43.56
C MET B 159 10.17 2.63 42.61
N VAL B 160 10.98 1.71 43.15
CA VAL B 160 11.65 0.65 42.37
C VAL B 160 10.59 -0.33 41.82
N LEU B 161 9.51 -0.59 42.59
CA LEU B 161 8.40 -1.46 42.19
C LEU B 161 7.62 -0.85 41.02
N ILE B 162 7.19 0.44 41.14
CA ILE B 162 6.47 1.17 40.08
C ILE B 162 7.35 1.31 38.84
N GLY B 163 8.63 1.62 39.06
CA GLY B 163 9.61 1.78 37.99
C GLY B 163 9.82 0.51 37.19
N PHE B 164 10.02 -0.62 37.89
CA PHE B 164 10.23 -1.93 37.28
C PHE B 164 9.00 -2.43 36.51
N PHE B 165 7.80 -2.18 37.06
CA PHE B 165 6.53 -2.56 36.41
C PHE B 165 6.29 -1.71 35.16
N SER B 166 6.70 -0.42 35.19
CA SER B 166 6.59 0.51 34.07
C SER B 166 7.45 0.02 32.90
N CYS B 167 8.63 -0.56 33.19
CA CYS B 167 9.54 -1.12 32.20
C CYS B 167 8.94 -2.37 31.54
N ILE B 168 8.31 -3.27 32.33
CA ILE B 168 7.65 -4.51 31.87
C ILE B 168 6.47 -4.17 30.95
N SER B 169 5.58 -3.27 31.41
CA SER B 169 4.40 -2.81 30.67
C SER B 169 4.78 -2.19 29.33
N THR B 170 5.82 -1.30 29.30
CA THR B 170 6.32 -0.65 28.09
C THR B 170 6.75 -1.68 27.03
N LEU B 171 7.49 -2.72 27.45
CA LEU B 171 7.96 -3.79 26.55
C LEU B 171 6.79 -4.67 26.07
N CYS B 172 5.78 -4.88 26.94
CA CYS B 172 4.57 -5.67 26.64
C CYS B 172 3.64 -4.93 25.67
N ILE B 173 3.44 -3.60 25.87
CA ILE B 173 2.64 -2.72 25.00
C ILE B 173 3.28 -2.70 23.62
N GLY B 174 4.60 -2.51 23.59
CA GLY B 174 5.40 -2.48 22.38
C GLY B 174 5.37 -3.78 21.60
N ALA B 175 5.64 -4.91 22.29
CA ALA B 175 5.62 -6.24 21.70
C ALA B 175 4.24 -6.55 21.13
N ALA B 176 3.15 -6.06 21.78
CA ALA B 176 1.77 -6.23 21.33
C ALA B 176 1.56 -5.53 19.99
N ALA B 177 2.14 -4.32 19.83
CA ALA B 177 2.02 -3.53 18.60
C ALA B 177 2.97 -4.01 17.50
N PHE B 178 4.27 -4.19 17.80
CA PHE B 178 5.28 -4.63 16.83
C PHE B 178 5.09 -6.06 16.32
N SER B 179 4.44 -6.95 17.12
CA SER B 179 4.16 -8.31 16.65
C SER B 179 2.97 -8.26 15.69
N HIS B 180 2.15 -7.21 15.80
CA HIS B 180 0.98 -7.00 14.96
C HIS B 180 1.37 -6.41 13.59
N TYR B 181 2.02 -5.23 13.62
CA TYR B 181 2.42 -4.50 12.41
C TYR B 181 3.60 -5.13 11.67
N GLU B 182 4.64 -5.58 12.40
CA GLU B 182 5.82 -6.18 11.77
C GLU B 182 5.70 -7.71 11.58
N HIS B 183 4.54 -8.29 11.95
CA HIS B 183 4.20 -9.73 11.81
C HIS B 183 5.28 -10.66 12.37
N TRP B 184 5.75 -10.33 13.58
CA TRP B 184 6.74 -11.08 14.34
C TRP B 184 5.99 -11.80 15.46
N THR B 185 6.67 -12.70 16.20
CA THR B 185 6.07 -13.36 17.36
C THR B 185 6.19 -12.37 18.53
N PHE B 186 5.33 -12.47 19.56
CA PHE B 186 5.39 -11.59 20.74
C PHE B 186 6.80 -11.54 21.32
N PHE B 187 7.46 -12.72 21.43
CA PHE B 187 8.81 -12.85 21.93
C PHE B 187 9.84 -12.07 21.08
N GLN B 188 9.74 -12.17 19.74
CA GLN B 188 10.62 -11.45 18.80
C GLN B 188 10.44 -9.95 18.94
N ALA B 189 9.17 -9.48 18.94
CA ALA B 189 8.81 -8.07 19.08
C ALA B 189 9.23 -7.51 20.45
N TYR B 190 9.17 -8.35 21.52
CA TYR B 190 9.61 -8.03 22.89
C TYR B 190 11.13 -7.86 22.91
N TYR B 191 11.87 -8.79 22.24
CA TYR B 191 13.33 -8.80 22.12
C TYR B 191 13.77 -7.55 21.36
N TYR B 192 13.01 -7.14 20.32
CA TYR B 192 13.27 -5.93 19.54
C TYR B 192 13.13 -4.72 20.43
N CYS B 193 12.04 -4.67 21.23
CA CYS B 193 11.78 -3.57 22.15
C CYS B 193 12.84 -3.44 23.23
N PHE B 194 13.33 -4.59 23.75
CA PHE B 194 14.38 -4.62 24.76
C PHE B 194 15.69 -4.09 24.17
N ILE B 195 16.12 -4.59 23.00
CA ILE B 195 17.35 -4.20 22.31
C ILE B 195 17.29 -2.71 21.86
N THR B 196 16.08 -2.20 21.55
CA THR B 196 15.89 -0.79 21.16
C THR B 196 16.04 0.13 22.36
N LEU B 197 15.22 -0.09 23.42
CA LEU B 197 15.15 0.73 24.63
C LEU B 197 16.37 0.62 25.56
N THR B 198 17.30 -0.32 25.29
CA THR B 198 18.57 -0.42 26.03
C THR B 198 19.70 0.24 25.20
N THR B 199 19.34 0.75 23.99
CA THR B 199 20.18 1.41 22.99
C THR B 199 21.27 0.49 22.40
N ILE B 200 21.08 -0.84 22.52
CA ILE B 200 22.00 -1.82 21.94
C ILE B 200 21.86 -1.74 20.41
N GLY B 201 20.61 -1.84 19.93
CA GLY B 201 20.23 -1.74 18.53
C GLY B 201 21.07 -2.52 17.55
N PHE B 202 21.02 -3.86 17.63
CA PHE B 202 21.76 -4.75 16.72
C PHE B 202 21.37 -4.48 15.27
N GLY B 203 20.08 -4.34 15.01
CA GLY B 203 19.55 -4.11 13.68
C GLY B 203 19.02 -5.36 13.02
N ASP B 204 19.00 -6.49 13.77
CA ASP B 204 18.50 -7.78 13.29
C ASP B 204 16.98 -7.73 13.14
N TYR B 205 16.36 -6.83 13.91
CA TYR B 205 14.94 -6.51 13.93
C TYR B 205 14.86 -4.97 13.92
N VAL B 206 14.17 -4.41 12.92
CA VAL B 206 13.98 -2.96 12.75
C VAL B 206 12.55 -2.69 12.29
N ALA B 207 11.86 -1.76 12.96
CA ALA B 207 10.50 -1.36 12.60
C ALA B 207 10.52 -0.44 11.40
N LEU B 208 9.36 -0.34 10.69
CA LEU B 208 9.11 0.50 9.50
C LEU B 208 9.95 0.08 8.27
N GLN B 209 10.33 -1.21 8.18
CA GLN B 209 11.13 -1.74 7.07
C GLN B 209 10.36 -2.67 6.14
N LYS B 210 9.04 -2.84 6.39
CA LYS B 210 8.15 -3.70 5.61
C LYS B 210 7.04 -2.92 4.95
N ASP B 211 6.68 -3.31 3.71
CA ASP B 211 5.63 -2.74 2.86
C ASP B 211 5.69 -1.20 2.72
N GLN B 212 6.94 -0.65 2.60
CA GLN B 212 7.24 0.77 2.43
C GLN B 212 6.56 1.65 3.49
N ALA B 213 6.56 1.16 4.76
CA ALA B 213 5.93 1.80 5.92
C ALA B 213 6.31 3.26 6.13
N LEU B 214 7.61 3.61 5.93
CA LEU B 214 8.12 4.98 6.08
C LEU B 214 7.42 5.98 5.16
N GLN B 215 6.99 5.53 3.96
CA GLN B 215 6.34 6.39 2.98
C GLN B 215 4.82 6.19 2.85
N THR B 216 4.32 4.97 3.11
CA THR B 216 2.89 4.65 2.93
C THR B 216 2.04 4.59 4.23
N GLN B 217 2.67 4.33 5.41
CA GLN B 217 1.93 4.21 6.69
C GLN B 217 2.32 5.31 7.70
N PRO B 218 1.83 6.57 7.55
CA PRO B 218 2.26 7.64 8.48
C PRO B 218 1.84 7.47 9.93
N GLN B 219 0.66 6.88 10.16
CA GLN B 219 0.10 6.64 11.50
C GLN B 219 1.00 5.69 12.31
N TYR B 220 1.44 4.57 11.69
CA TYR B 220 2.32 3.58 12.30
C TYR B 220 3.70 4.20 12.59
N VAL B 221 4.22 5.01 11.63
CA VAL B 221 5.49 5.73 11.74
C VAL B 221 5.45 6.68 12.94
N ALA B 222 4.33 7.42 13.09
CA ALA B 222 4.10 8.34 14.21
C ALA B 222 4.12 7.60 15.53
N PHE B 223 3.45 6.43 15.61
CA PHE B 223 3.41 5.58 16.82
C PHE B 223 4.83 5.08 17.16
N SER B 224 5.57 4.61 16.15
CA SER B 224 6.92 4.08 16.29
C SER B 224 7.89 5.08 16.89
N PHE B 225 7.80 6.36 16.47
CA PHE B 225 8.64 7.46 16.96
C PHE B 225 8.29 7.78 18.40
N VAL B 226 6.97 7.90 18.68
CA VAL B 226 6.43 8.20 20.00
C VAL B 226 6.79 7.07 20.99
N TYR B 227 6.73 5.78 20.55
CA TYR B 227 7.08 4.63 21.39
C TYR B 227 8.56 4.63 21.75
N ILE B 228 9.46 4.80 20.74
CA ILE B 228 10.90 4.81 20.96
C ILE B 228 11.27 5.91 21.97
N LEU B 229 10.75 7.13 21.77
CA LEU B 229 11.01 8.28 22.64
C LEU B 229 10.39 8.12 24.03
N THR B 230 9.11 7.72 24.15
CA THR B 230 8.48 7.53 25.48
C THR B 230 9.07 6.34 26.22
N GLY B 231 9.34 5.25 25.50
CA GLY B 231 9.95 4.04 26.03
C GLY B 231 11.33 4.29 26.62
N LEU B 232 12.14 5.13 25.95
CA LEU B 232 13.47 5.52 26.42
C LEU B 232 13.39 6.40 27.65
N THR B 233 12.27 7.15 27.80
CA THR B 233 12.04 8.01 28.96
C THR B 233 11.71 7.14 30.17
N VAL B 234 10.95 6.04 29.95
CA VAL B 234 10.56 5.07 31.00
C VAL B 234 11.81 4.37 31.55
N ILE B 235 12.71 3.90 30.65
CA ILE B 235 13.97 3.24 31.05
C ILE B 235 14.89 4.28 31.69
N GLY B 236 14.96 5.48 31.08
CA GLY B 236 15.74 6.62 31.54
C GLY B 236 15.39 7.04 32.96
N ALA B 237 14.07 7.02 33.31
CA ALA B 237 13.55 7.35 34.64
C ALA B 237 13.99 6.32 35.66
N PHE B 238 14.05 5.04 35.22
CA PHE B 238 14.43 3.90 36.07
C PHE B 238 15.93 3.88 36.38
N LEU B 239 16.78 4.35 35.45
CA LEU B 239 18.21 4.41 35.70
C LEU B 239 18.55 5.65 36.54
N ASN B 240 17.73 6.70 36.43
CA ASN B 240 17.83 7.97 37.17
C ASN B 240 17.56 7.66 38.65
N LEU B 241 16.66 6.69 38.89
CA LEU B 241 16.23 6.24 40.21
C LEU B 241 17.19 5.24 40.86
N VAL B 242 17.67 4.23 40.09
CA VAL B 242 18.49 3.15 40.64
C VAL B 242 20.02 3.29 40.35
N VAL B 243 20.41 3.38 39.07
CA VAL B 243 21.82 3.35 38.62
C VAL B 243 22.60 4.68 38.83
N LEU B 244 22.06 5.84 38.39
CA LEU B 244 22.71 7.16 38.44
C LEU B 244 23.43 7.51 39.77
N ARG B 245 22.85 7.13 40.93
CA ARG B 245 23.42 7.37 42.27
C ARG B 245 24.82 6.76 42.47
N PHE B 246 25.11 5.63 41.79
CA PHE B 246 26.37 4.89 41.86
C PHE B 246 27.50 5.50 41.02
N MET B 247 27.15 6.37 40.05
CA MET B 247 28.12 7.02 39.16
C MET B 247 28.78 8.23 39.81
N THR B 248 28.09 8.84 40.79
CA THR B 248 28.57 10.02 41.53
C THR B 248 29.27 9.61 42.85
N MET B 249 29.30 8.29 43.14
CA MET B 249 29.87 7.66 44.35
C MET B 249 31.35 7.97 44.61
N ASN B 250 32.18 7.97 43.55
CA ASN B 250 33.62 8.26 43.64
C ASN B 250 33.88 9.73 43.95
N ALA B 251 33.04 10.63 43.38
CA ALA B 251 33.10 12.08 43.59
C ALA B 251 32.66 12.43 45.01
N GLU B 252 31.68 11.68 45.56
CA GLU B 252 31.17 11.87 46.92
C GLU B 252 32.22 11.51 47.97
N ASP B 253 32.95 10.38 47.75
CA ASP B 253 34.01 9.88 48.63
C ASP B 253 35.27 10.75 48.57
N GLU B 254 35.57 11.34 47.40
CA GLU B 254 36.73 12.23 47.19
C GLU B 254 36.48 13.57 47.91
N LYS B 255 35.22 14.07 47.89
CA LYS B 255 34.81 15.29 48.57
C LYS B 255 34.87 15.10 50.08
N ARG B 256 34.48 13.91 50.57
CA ARG B 256 34.51 13.51 51.98
C ARG B 256 35.94 13.43 52.51
N ASP B 257 36.90 13.03 51.64
CA ASP B 257 38.33 12.92 51.96
C ASP B 257 38.93 14.29 52.26
N ALA B 258 38.58 15.30 51.43
CA ALA B 258 39.03 16.69 51.57
C ALA B 258 38.34 17.36 52.77
N GLU B 259 37.07 16.96 53.04
CA GLU B 259 36.21 17.45 54.13
C GLU B 259 36.80 17.12 55.51
N ASN B 260 37.29 15.87 55.70
CA ASN B 260 37.88 15.41 56.95
C ASN B 260 39.30 15.97 57.13
N LEU B 261 40.16 15.79 56.10
CA LEU B 261 41.55 16.26 56.10
C LEU B 261 41.63 17.76 55.88
N MET C 1 -41.26 29.11 -10.91
CA MET C 1 -40.34 28.32 -11.72
C MET C 1 -41.07 27.55 -12.82
N LYS C 2 -40.51 27.55 -14.05
CA LYS C 2 -41.04 26.86 -15.23
C LYS C 2 -41.21 25.35 -14.98
N ARG C 3 -42.21 24.73 -15.63
CA ARG C 3 -42.51 23.28 -15.51
C ARG C 3 -41.29 22.40 -15.85
N GLN C 4 -40.52 22.79 -16.90
CA GLN C 4 -39.31 22.11 -17.39
C GLN C 4 -38.24 22.04 -16.30
N ASN C 5 -38.00 23.17 -15.61
CA ASN C 5 -37.00 23.30 -14.56
C ASN C 5 -37.38 22.56 -13.28
N VAL C 6 -38.69 22.51 -12.95
CA VAL C 6 -39.20 21.79 -11.78
C VAL C 6 -39.02 20.26 -12.01
N ARG C 7 -39.40 19.77 -13.22
CA ARG C 7 -39.30 18.36 -13.64
C ARG C 7 -37.85 17.86 -13.63
N THR C 8 -36.92 18.65 -14.18
CA THR C 8 -35.49 18.31 -14.24
C THR C 8 -34.88 18.24 -12.84
N LEU C 9 -35.17 19.25 -11.98
CA LEU C 9 -34.69 19.28 -10.60
C LEU C 9 -35.26 18.13 -9.77
N ALA C 10 -36.54 17.75 -10.02
CA ALA C 10 -37.21 16.63 -9.34
C ALA C 10 -36.50 15.32 -9.70
N LEU C 11 -36.14 15.14 -10.99
CA LEU C 11 -35.44 13.96 -11.50
C LEU C 11 -34.03 13.81 -10.92
N ILE C 12 -33.31 14.94 -10.74
CA ILE C 12 -31.95 14.97 -10.15
C ILE C 12 -32.03 14.54 -8.67
N VAL C 13 -32.99 15.11 -7.92
CA VAL C 13 -33.23 14.78 -6.52
C VAL C 13 -33.66 13.30 -6.40
N CYS C 14 -34.49 12.81 -7.34
CA CYS C 14 -34.95 11.42 -7.38
C CYS C 14 -33.80 10.45 -7.57
N THR C 15 -32.94 10.68 -8.59
CA THR C 15 -31.79 9.83 -8.93
C THR C 15 -30.78 9.76 -7.78
N PHE C 16 -30.42 10.92 -7.18
CA PHE C 16 -29.45 10.96 -6.08
C PHE C 16 -29.97 10.26 -4.82
N THR C 17 -31.26 10.40 -4.48
CA THR C 17 -31.87 9.73 -3.32
C THR C 17 -31.99 8.22 -3.60
N TYR C 18 -32.23 7.84 -4.88
CA TYR C 18 -32.33 6.45 -5.33
C TYR C 18 -30.96 5.79 -5.20
N LEU C 19 -29.88 6.56 -5.43
CA LEU C 19 -28.50 6.11 -5.31
C LEU C 19 -28.11 5.88 -3.85
N LEU C 20 -28.51 6.81 -2.94
CA LEU C 20 -28.26 6.73 -1.49
C LEU C 20 -29.01 5.54 -0.88
N VAL C 21 -30.30 5.36 -1.27
CA VAL C 21 -31.15 4.26 -0.81
C VAL C 21 -30.58 2.93 -1.31
N GLY C 22 -30.14 2.92 -2.57
CA GLY C 22 -29.52 1.76 -3.19
C GLY C 22 -28.24 1.34 -2.51
N ALA C 23 -27.33 2.32 -2.28
CA ALA C 23 -26.05 2.12 -1.58
C ALA C 23 -26.26 1.61 -0.16
N ALA C 24 -27.35 2.06 0.52
CA ALA C 24 -27.70 1.64 1.86
C ALA C 24 -28.13 0.16 1.89
N VAL C 25 -28.95 -0.26 0.90
CA VAL C 25 -29.46 -1.63 0.78
C VAL C 25 -28.35 -2.61 0.39
N PHE C 26 -27.57 -2.30 -0.67
CA PHE C 26 -26.46 -3.16 -1.12
C PHE C 26 -25.40 -3.36 -0.03
N ASP C 27 -25.24 -2.37 0.87
CA ASP C 27 -24.31 -2.44 2.01
C ASP C 27 -24.84 -3.50 2.98
N ALA C 28 -26.15 -3.43 3.31
CA ALA C 28 -26.83 -4.35 4.22
C ALA C 28 -26.83 -5.81 3.73
N LEU C 29 -26.89 -6.00 2.40
CA LEU C 29 -26.95 -7.32 1.76
C LEU C 29 -25.61 -7.91 1.33
N GLU C 30 -24.59 -7.08 1.05
CA GLU C 30 -23.33 -7.60 0.53
C GLU C 30 -22.06 -7.38 1.37
N SER C 31 -22.01 -6.34 2.24
CA SER C 31 -20.81 -6.04 3.06
C SER C 31 -20.29 -7.20 3.91
N GLU C 32 -21.15 -7.74 4.80
CA GLU C 32 -20.78 -8.87 5.68
C GLU C 32 -20.44 -10.14 4.89
N PRO C 33 -21.28 -10.63 3.92
CA PRO C 33 -20.88 -11.84 3.15
C PRO C 33 -19.53 -11.72 2.45
N GLU C 34 -19.17 -10.51 1.95
CA GLU C 34 -17.90 -10.22 1.27
C GLU C 34 -16.72 -10.37 2.24
N LEU C 35 -16.86 -9.84 3.48
CA LEU C 35 -15.85 -9.94 4.53
C LEU C 35 -15.64 -11.39 4.95
N ILE C 36 -16.75 -12.16 5.06
CA ILE C 36 -16.78 -13.59 5.41
C ILE C 36 -16.10 -14.41 4.31
N GLU C 37 -16.42 -14.14 3.03
CA GLU C 37 -15.85 -14.83 1.87
C GLU C 37 -14.35 -14.51 1.70
N ARG C 38 -13.94 -13.25 1.97
CA ARG C 38 -12.53 -12.85 1.87
C ARG C 38 -11.69 -13.63 2.87
N GLN C 39 -12.20 -13.79 4.11
CA GLN C 39 -11.53 -14.54 5.18
C GLN C 39 -11.43 -16.03 4.83
N ARG C 40 -12.53 -16.60 4.29
CA ARG C 40 -12.66 -18.00 3.89
C ARG C 40 -11.66 -18.39 2.79
N LEU C 41 -11.49 -17.52 1.78
CA LEU C 41 -10.59 -17.72 0.65
C LEU C 41 -9.12 -17.53 1.02
N GLU C 42 -8.82 -16.60 1.95
CA GLU C 42 -7.47 -16.34 2.44
C GLU C 42 -6.94 -17.53 3.26
N LEU C 43 -7.85 -18.33 3.86
CA LEU C 43 -7.53 -19.55 4.60
C LEU C 43 -7.16 -20.65 3.61
N ARG C 44 -7.95 -20.80 2.53
CA ARG C 44 -7.74 -21.77 1.45
C ARG C 44 -6.44 -21.49 0.71
N GLN C 45 -6.12 -20.19 0.50
CA GLN C 45 -4.90 -19.71 -0.15
C GLN C 45 -3.66 -20.11 0.66
N GLN C 46 -3.73 -19.98 2.00
CA GLN C 46 -2.64 -20.35 2.91
C GLN C 46 -2.46 -21.86 2.98
N GLU C 47 -3.58 -22.61 3.03
CA GLU C 47 -3.59 -24.07 3.09
C GLU C 47 -3.05 -24.70 1.82
N LEU C 48 -3.40 -24.14 0.64
CA LEU C 48 -2.90 -24.63 -0.65
C LEU C 48 -1.44 -24.27 -0.89
N ARG C 49 -0.98 -23.11 -0.37
CA ARG C 49 0.42 -22.68 -0.47
C ARG C 49 1.31 -23.59 0.37
N ALA C 50 0.79 -24.08 1.50
CA ALA C 50 1.50 -24.99 2.41
C ALA C 50 1.53 -26.41 1.83
N ARG C 51 0.39 -26.87 1.26
CA ARG C 51 0.22 -28.20 0.67
C ARG C 51 1.13 -28.49 -0.52
N TYR C 52 1.36 -27.48 -1.38
CA TYR C 52 2.19 -27.62 -2.58
C TYR C 52 3.52 -26.86 -2.50
N ASN C 53 4.00 -26.60 -1.25
CA ASN C 53 5.25 -25.92 -0.91
C ASN C 53 5.53 -24.69 -1.79
N LEU C 54 4.68 -23.67 -1.65
CA LEU C 54 4.76 -22.43 -2.41
C LEU C 54 5.07 -21.21 -1.54
N SER C 55 6.06 -20.42 -1.96
CA SER C 55 6.49 -19.20 -1.29
C SER C 55 5.59 -18.02 -1.71
N GLN C 56 5.86 -16.80 -1.16
CA GLN C 56 5.13 -15.58 -1.49
C GLN C 56 5.33 -15.22 -2.97
N GLY C 57 6.57 -15.36 -3.45
CA GLY C 57 6.92 -15.11 -4.84
C GLY C 57 6.46 -16.21 -5.79
N GLY C 58 6.46 -17.44 -5.28
CA GLY C 58 6.04 -18.64 -6.02
C GLY C 58 4.57 -18.61 -6.38
N TYR C 59 3.72 -18.17 -5.43
CA TYR C 59 2.28 -18.02 -5.61
C TYR C 59 1.98 -16.84 -6.53
N GLU C 60 2.67 -15.70 -6.34
CA GLU C 60 2.53 -14.46 -7.12
C GLU C 60 2.80 -14.66 -8.60
N GLU C 61 3.83 -15.49 -8.94
CA GLU C 61 4.20 -15.79 -10.33
C GLU C 61 3.10 -16.65 -10.99
N LEU C 62 2.50 -17.59 -10.21
CA LEU C 62 1.41 -18.46 -10.65
C LEU C 62 0.10 -17.67 -10.74
N GLU C 63 -0.02 -16.61 -9.92
CA GLU C 63 -1.19 -15.72 -9.84
C GLU C 63 -1.33 -14.93 -11.14
N ARG C 64 -0.21 -14.44 -11.69
CA ARG C 64 -0.17 -13.65 -12.93
C ARG C 64 -0.60 -14.48 -14.14
N VAL C 65 -0.18 -15.76 -14.20
CA VAL C 65 -0.47 -16.69 -15.30
C VAL C 65 -1.96 -17.08 -15.32
N VAL C 66 -2.53 -17.46 -14.16
CA VAL C 66 -3.94 -17.85 -13.99
C VAL C 66 -4.89 -16.74 -14.44
N LEU C 67 -4.61 -15.48 -14.04
CA LEU C 67 -5.40 -14.30 -14.39
C LEU C 67 -5.33 -13.96 -15.88
N ARG C 68 -4.11 -14.04 -16.46
CA ARG C 68 -3.89 -13.76 -17.89
C ARG C 68 -4.47 -14.86 -18.81
N LEU C 69 -4.57 -16.11 -18.30
CA LEU C 69 -5.11 -17.25 -19.05
C LEU C 69 -6.64 -17.30 -19.03
N LYS C 70 -7.30 -16.54 -18.11
CA LYS C 70 -8.77 -16.52 -17.96
C LYS C 70 -9.53 -16.29 -19.29
N PRO C 71 -9.21 -15.26 -20.14
CA PRO C 71 -9.97 -15.11 -21.40
C PRO C 71 -9.71 -16.23 -22.40
N HIS C 72 -8.52 -16.86 -22.33
CA HIS C 72 -8.12 -17.96 -23.20
C HIS C 72 -8.75 -19.28 -22.77
N LYS C 73 -9.03 -19.44 -21.45
CA LYS C 73 -9.62 -20.63 -20.82
C LYS C 73 -10.95 -21.04 -21.45
N ALA C 74 -11.81 -20.05 -21.77
CA ALA C 74 -13.11 -20.22 -22.42
C ALA C 74 -12.96 -20.71 -23.86
N GLY C 75 -11.82 -20.41 -24.49
CA GLY C 75 -11.48 -20.79 -25.85
C GLY C 75 -11.07 -19.61 -26.70
N VAL C 76 -11.05 -19.80 -28.03
CA VAL C 76 -10.72 -18.75 -29.00
C VAL C 76 -11.88 -17.75 -29.03
N GLN C 77 -11.62 -16.51 -28.59
CA GLN C 77 -12.59 -15.42 -28.47
C GLN C 77 -12.54 -14.45 -29.64
N TRP C 78 -11.57 -14.61 -30.56
CA TRP C 78 -11.43 -13.60 -31.62
C TRP C 78 -11.54 -14.10 -33.06
N ARG C 79 -11.98 -15.34 -33.33
CA ARG C 79 -12.21 -15.74 -34.71
C ARG C 79 -13.55 -15.11 -35.17
N PHE C 80 -14.14 -15.52 -36.32
CA PHE C 80 -15.39 -14.92 -36.79
C PHE C 80 -16.54 -14.93 -35.75
N ALA C 81 -16.82 -16.10 -35.14
CA ALA C 81 -17.90 -16.24 -34.15
C ALA C 81 -17.71 -15.38 -32.90
N GLY C 82 -16.51 -15.44 -32.31
CA GLY C 82 -16.15 -14.67 -31.13
C GLY C 82 -16.09 -13.17 -31.38
N SER C 83 -15.71 -12.77 -32.61
CA SER C 83 -15.65 -11.37 -33.02
C SER C 83 -17.06 -10.79 -33.22
N PHE C 84 -18.00 -11.60 -33.74
CA PHE C 84 -19.39 -11.23 -33.99
C PHE C 84 -20.11 -11.04 -32.66
N TYR C 85 -19.85 -11.95 -31.69
CA TYR C 85 -20.39 -11.91 -30.34
C TYR C 85 -19.91 -10.63 -29.65
N PHE C 86 -18.61 -10.29 -29.82
CA PHE C 86 -18.01 -9.06 -29.29
C PHE C 86 -18.60 -7.82 -29.95
N ALA C 87 -18.79 -7.86 -31.30
CA ALA C 87 -19.40 -6.77 -32.07
C ALA C 87 -20.80 -6.49 -31.53
N ILE C 88 -21.57 -7.56 -31.14
CA ILE C 88 -22.90 -7.44 -30.55
C ILE C 88 -22.81 -6.64 -29.24
N THR C 89 -21.94 -7.08 -28.29
CA THR C 89 -21.73 -6.46 -26.96
C THR C 89 -21.36 -4.97 -27.04
N VAL C 90 -20.64 -4.55 -28.10
CA VAL C 90 -20.22 -3.16 -28.29
C VAL C 90 -21.40 -2.25 -28.69
N ILE C 91 -22.01 -2.53 -29.86
CA ILE C 91 -23.08 -1.71 -30.44
C ILE C 91 -24.38 -1.75 -29.62
N THR C 92 -24.62 -2.82 -28.85
CA THR C 92 -25.81 -2.93 -27.99
C THR C 92 -25.57 -2.37 -26.60
N THR C 93 -24.33 -1.93 -26.29
CA THR C 93 -23.83 -1.37 -25.01
C THR C 93 -23.85 -2.40 -23.86
N ILE C 94 -24.00 -3.71 -24.17
CA ILE C 94 -24.01 -4.77 -23.13
C ILE C 94 -22.62 -4.84 -22.48
N GLY C 95 -21.58 -4.94 -23.33
CA GLY C 95 -20.17 -4.99 -22.95
C GLY C 95 -19.83 -5.86 -21.76
N TYR C 96 -19.99 -7.19 -21.89
CA TYR C 96 -19.68 -8.15 -20.82
C TYR C 96 -18.24 -8.00 -20.33
N GLY C 97 -17.32 -7.83 -21.28
CA GLY C 97 -15.90 -7.68 -21.02
C GLY C 97 -15.17 -9.00 -20.92
N HIS C 98 -15.85 -10.11 -21.30
CA HIS C 98 -15.31 -11.48 -21.32
C HIS C 98 -14.13 -11.55 -22.30
N ALA C 99 -14.23 -10.76 -23.37
CA ALA C 99 -13.25 -10.54 -24.43
C ALA C 99 -13.26 -9.03 -24.71
N ALA C 100 -12.10 -8.38 -24.55
CA ALA C 100 -11.92 -6.95 -24.77
C ALA C 100 -10.71 -6.75 -25.70
N PRO C 101 -10.63 -5.66 -26.51
CA PRO C 101 -9.48 -5.51 -27.41
C PRO C 101 -8.15 -5.34 -26.67
N SER C 102 -7.22 -6.29 -26.89
CA SER C 102 -5.91 -6.27 -26.26
C SER C 102 -4.89 -5.36 -26.99
N THR C 103 -5.14 -5.07 -28.28
CA THR C 103 -4.28 -4.21 -29.10
C THR C 103 -4.78 -2.77 -29.17
N ASP C 104 -3.85 -1.82 -29.38
CA ASP C 104 -4.11 -0.38 -29.51
C ASP C 104 -5.01 -0.09 -30.72
N GLY C 105 -4.79 -0.81 -31.81
CA GLY C 105 -5.59 -0.70 -33.03
C GLY C 105 -7.00 -1.20 -32.82
N GLY C 106 -7.12 -2.30 -32.07
CA GLY C 106 -8.39 -2.92 -31.69
C GLY C 106 -9.20 -1.96 -30.85
N LYS C 107 -8.56 -1.35 -29.82
CA LYS C 107 -9.15 -0.36 -28.91
C LYS C 107 -9.63 0.88 -29.67
N VAL C 108 -8.84 1.36 -30.66
CA VAL C 108 -9.17 2.52 -31.49
C VAL C 108 -10.35 2.22 -32.41
N PHE C 109 -10.28 1.11 -33.18
CA PHE C 109 -11.37 0.72 -34.08
C PHE C 109 -12.66 0.53 -33.30
N CYS C 110 -12.56 -0.06 -32.08
CA CYS C 110 -13.67 -0.30 -31.16
C CYS C 110 -14.41 1.01 -30.81
N MET C 111 -13.64 2.10 -30.57
CA MET C 111 -14.19 3.41 -30.24
C MET C 111 -14.97 4.04 -31.39
N PHE C 112 -14.39 4.02 -32.60
CA PHE C 112 -15.05 4.54 -33.81
C PHE C 112 -16.26 3.66 -34.16
N TYR C 113 -16.14 2.34 -33.96
CA TYR C 113 -17.17 1.34 -34.22
C TYR C 113 -18.40 1.58 -33.35
N ALA C 114 -18.19 1.89 -32.06
CA ALA C 114 -19.23 2.20 -31.08
C ALA C 114 -19.90 3.54 -31.39
N LEU C 115 -19.10 4.59 -31.72
CA LEU C 115 -19.53 5.96 -32.05
C LEU C 115 -20.66 6.02 -33.10
N LEU C 116 -20.55 5.22 -34.16
CA LEU C 116 -21.54 5.12 -35.23
C LEU C 116 -22.54 3.96 -34.98
N GLY C 117 -22.05 2.86 -34.41
CA GLY C 117 -22.83 1.65 -34.13
C GLY C 117 -23.95 1.80 -33.13
N ILE C 118 -23.63 2.27 -31.91
CA ILE C 118 -24.58 2.47 -30.81
C ILE C 118 -25.82 3.30 -31.28
N PRO C 119 -25.67 4.52 -31.89
CA PRO C 119 -26.87 5.26 -32.36
C PRO C 119 -27.69 4.44 -33.38
N LEU C 120 -27.00 3.83 -34.37
CA LEU C 120 -27.60 2.99 -35.42
C LEU C 120 -28.42 1.84 -34.81
N THR C 121 -27.86 1.15 -33.80
CA THR C 121 -28.47 0.02 -33.09
C THR C 121 -29.68 0.50 -32.30
N LEU C 122 -29.53 1.63 -31.56
CA LEU C 122 -30.58 2.27 -30.77
C LEU C 122 -31.78 2.64 -31.63
N VAL C 123 -31.53 3.34 -32.76
CA VAL C 123 -32.58 3.77 -33.71
C VAL C 123 -33.30 2.54 -34.29
N MET C 124 -32.52 1.50 -34.69
CA MET C 124 -33.02 0.23 -35.23
C MET C 124 -33.98 -0.47 -34.25
N PHE C 125 -33.60 -0.54 -32.95
CA PHE C 125 -34.42 -1.18 -31.93
C PHE C 125 -35.70 -0.39 -31.63
N GLN C 126 -35.64 0.96 -31.70
CA GLN C 126 -36.80 1.81 -31.48
C GLN C 126 -37.75 1.77 -32.68
N SER C 127 -37.19 1.64 -33.90
CA SER C 127 -37.95 1.54 -35.14
C SER C 127 -38.66 0.18 -35.24
N LEU C 128 -37.92 -0.93 -35.01
CA LEU C 128 -38.48 -2.29 -35.03
C LEU C 128 -39.43 -2.49 -33.86
N GLY C 129 -39.13 -1.85 -32.73
CA GLY C 129 -39.95 -1.88 -31.53
C GLY C 129 -41.31 -1.27 -31.76
N GLU C 130 -41.35 -0.14 -32.49
CA GLU C 130 -42.58 0.58 -32.88
C GLU C 130 -43.42 -0.29 -33.81
N ARG C 131 -42.77 -0.95 -34.81
CA ARG C 131 -43.44 -1.83 -35.79
C ARG C 131 -44.10 -3.02 -35.08
N ILE C 132 -43.45 -3.54 -34.03
CA ILE C 132 -43.96 -4.65 -33.21
C ILE C 132 -45.20 -4.19 -32.44
N ASN C 133 -45.14 -2.97 -31.84
CA ASN C 133 -46.26 -2.36 -31.11
C ASN C 133 -47.47 -2.15 -32.03
N THR C 134 -47.22 -1.64 -33.26
CA THR C 134 -48.24 -1.39 -34.28
C THR C 134 -48.93 -2.71 -34.70
N LEU C 135 -48.15 -3.81 -34.82
CA LEU C 135 -48.66 -5.14 -35.16
C LEU C 135 -49.52 -5.69 -34.02
N VAL C 136 -49.03 -5.58 -32.76
CA VAL C 136 -49.73 -6.03 -31.54
C VAL C 136 -51.06 -5.27 -31.40
N ARG C 137 -51.03 -3.93 -31.62
CA ARG C 137 -52.20 -3.04 -31.57
C ARG C 137 -53.22 -3.46 -32.64
N TYR C 138 -52.74 -3.89 -33.83
CA TYR C 138 -53.61 -4.37 -34.90
C TYR C 138 -54.20 -5.73 -34.56
N LEU C 139 -53.36 -6.67 -34.06
CA LEU C 139 -53.77 -8.02 -33.67
C LEU C 139 -54.81 -7.99 -32.57
N LEU C 140 -54.62 -7.14 -31.55
CA LEU C 140 -55.55 -6.98 -30.43
C LEU C 140 -56.88 -6.38 -30.88
N HIS C 141 -56.84 -5.42 -31.84
CA HIS C 141 -58.03 -4.79 -32.41
C HIS C 141 -58.84 -5.82 -33.21
N ARG C 142 -58.16 -6.66 -34.01
CA ARG C 142 -58.78 -7.73 -34.80
C ARG C 142 -59.38 -8.81 -33.92
N ALA C 143 -58.71 -9.13 -32.78
CA ALA C 143 -59.15 -10.12 -31.79
C ALA C 143 -60.39 -9.64 -31.04
N LYS C 144 -60.41 -8.36 -30.61
CA LYS C 144 -61.54 -7.72 -29.91
C LYS C 144 -62.79 -7.73 -30.80
N LYS C 145 -62.59 -7.41 -32.10
CA LYS C 145 -63.61 -7.39 -33.14
C LYS C 145 -64.10 -8.82 -33.41
N GLY C 146 -63.16 -9.78 -33.35
CA GLY C 146 -63.41 -11.20 -33.59
C GLY C 146 -64.26 -11.88 -32.53
N LEU C 147 -63.84 -11.74 -31.25
CA LEU C 147 -64.53 -12.33 -30.09
C LEU C 147 -65.93 -11.75 -29.84
N GLY C 148 -66.07 -10.43 -30.09
CA GLY C 148 -67.32 -9.69 -29.93
C GLY C 148 -67.21 -8.52 -28.97
N MET C 149 -66.66 -7.38 -29.43
CA MET C 149 -66.53 -6.22 -28.55
C MET C 149 -67.02 -4.92 -29.18
N ARG C 150 -67.84 -4.17 -28.41
CA ARG C 150 -68.38 -2.87 -28.79
C ARG C 150 -67.25 -1.82 -28.77
N ARG C 151 -66.43 -1.85 -27.69
CA ARG C 151 -65.27 -0.99 -27.51
C ARG C 151 -64.01 -1.72 -28.04
N ALA C 152 -63.98 -1.94 -29.36
CA ALA C 152 -62.92 -2.62 -30.12
C ALA C 152 -61.56 -1.89 -30.05
N ASP C 153 -61.58 -0.61 -29.65
CA ASP C 153 -60.41 0.27 -29.51
C ASP C 153 -59.39 -0.27 -28.50
N VAL C 154 -58.10 -0.25 -28.90
CA VAL C 154 -56.97 -0.71 -28.10
C VAL C 154 -56.45 0.45 -27.25
N SER C 155 -56.53 0.31 -25.92
CA SER C 155 -56.09 1.34 -24.99
C SER C 155 -54.58 1.25 -24.70
N MET C 156 -54.03 2.29 -24.07
CA MET C 156 -52.63 2.37 -23.66
C MET C 156 -52.37 1.33 -22.56
N ALA C 157 -53.33 1.17 -21.63
CA ALA C 157 -53.28 0.22 -20.53
C ALA C 157 -53.17 -1.24 -20.99
N ASN C 158 -53.90 -1.59 -22.09
CA ASN C 158 -53.85 -2.92 -22.70
C ASN C 158 -52.47 -3.18 -23.30
N MET C 159 -51.86 -2.13 -23.88
CA MET C 159 -50.55 -2.17 -24.50
C MET C 159 -49.43 -2.34 -23.48
N VAL C 160 -49.55 -1.67 -22.30
CA VAL C 160 -48.57 -1.77 -21.21
C VAL C 160 -48.61 -3.19 -20.60
N LEU C 161 -49.80 -3.80 -20.55
CA LEU C 161 -50.01 -5.15 -20.05
C LEU C 161 -49.35 -6.19 -20.96
N ILE C 162 -49.63 -6.14 -22.28
CA ILE C 162 -49.05 -7.04 -23.29
C ILE C 162 -47.53 -6.84 -23.35
N GLY C 163 -47.09 -5.57 -23.31
CA GLY C 163 -45.69 -5.20 -23.32
C GLY C 163 -44.92 -5.79 -22.16
N PHE C 164 -45.45 -5.60 -20.93
CA PHE C 164 -44.83 -6.11 -19.71
C PHE C 164 -44.78 -7.63 -19.66
N PHE C 165 -45.85 -8.30 -20.11
CA PHE C 165 -45.93 -9.77 -20.15
C PHE C 165 -44.97 -10.35 -21.16
N SER C 166 -44.74 -9.62 -22.29
CA SER C 166 -43.81 -10.00 -23.36
C SER C 166 -42.38 -10.02 -22.82
N CYS C 167 -42.03 -9.03 -21.98
CA CYS C 167 -40.70 -8.92 -21.40
C CYS C 167 -40.42 -10.03 -20.39
N ILE C 168 -41.41 -10.40 -19.55
CA ILE C 168 -41.31 -11.50 -18.58
C ILE C 168 -41.11 -12.82 -19.36
N SER C 169 -41.98 -13.06 -20.37
CA SER C 169 -41.97 -14.25 -21.25
C SER C 169 -40.63 -14.44 -21.92
N THR C 170 -39.99 -13.35 -22.41
CA THR C 170 -38.67 -13.38 -23.03
C THR C 170 -37.63 -13.85 -22.01
N LEU C 171 -37.69 -13.33 -20.76
CA LEU C 171 -36.78 -13.68 -19.68
C LEU C 171 -36.92 -15.11 -19.22
N CYS C 172 -38.15 -15.64 -19.16
CA CYS C 172 -38.45 -17.02 -18.74
C CYS C 172 -37.99 -18.02 -19.79
N ILE C 173 -38.30 -17.73 -21.08
CA ILE C 173 -37.90 -18.55 -22.24
C ILE C 173 -36.37 -18.54 -22.34
N GLY C 174 -35.77 -17.39 -22.05
CA GLY C 174 -34.32 -17.21 -22.01
C GLY C 174 -33.72 -17.99 -20.88
N ALA C 175 -34.33 -17.90 -19.69
CA ALA C 175 -33.90 -18.63 -18.48
C ALA C 175 -33.98 -20.15 -18.68
N ALA C 176 -34.97 -20.63 -19.46
CA ALA C 176 -35.15 -22.06 -19.73
C ALA C 176 -34.02 -22.64 -20.56
N ALA C 177 -33.67 -21.96 -21.67
CA ALA C 177 -32.63 -22.38 -22.58
C ALA C 177 -31.22 -22.28 -22.01
N PHE C 178 -30.89 -21.15 -21.34
CA PHE C 178 -29.55 -20.95 -20.77
C PHE C 178 -29.31 -21.86 -19.57
N SER C 179 -30.33 -22.09 -18.72
CA SER C 179 -30.18 -23.01 -17.58
C SER C 179 -30.01 -24.48 -18.05
N HIS C 180 -30.34 -24.76 -19.32
CA HIS C 180 -30.20 -26.06 -19.93
C HIS C 180 -28.83 -26.24 -20.57
N TYR C 181 -28.41 -25.30 -21.47
CA TYR C 181 -27.15 -25.38 -22.22
C TYR C 181 -25.92 -25.00 -21.41
N GLU C 182 -26.07 -24.10 -20.43
CA GLU C 182 -24.94 -23.67 -19.61
C GLU C 182 -24.85 -24.45 -18.30
N HIS C 183 -25.89 -25.20 -17.97
CA HIS C 183 -26.01 -25.96 -16.73
C HIS C 183 -26.02 -25.03 -15.51
N TRP C 184 -26.82 -23.95 -15.60
CA TRP C 184 -27.05 -22.97 -14.55
C TRP C 184 -28.42 -23.27 -13.94
N THR C 185 -28.75 -22.63 -12.81
CA THR C 185 -30.08 -22.76 -12.20
C THR C 185 -30.98 -21.78 -12.93
N PHE C 186 -32.31 -22.00 -12.96
CA PHE C 186 -33.26 -21.10 -13.63
C PHE C 186 -33.08 -19.66 -13.14
N PHE C 187 -32.87 -19.48 -11.83
CA PHE C 187 -32.65 -18.17 -11.20
C PHE C 187 -31.39 -17.49 -11.77
N GLN C 188 -30.27 -18.24 -11.90
CA GLN C 188 -28.99 -17.73 -12.43
C GLN C 188 -29.16 -17.31 -13.90
N ALA C 189 -29.77 -18.18 -14.72
CA ALA C 189 -30.05 -17.94 -16.13
C ALA C 189 -30.99 -16.75 -16.31
N TYR C 190 -32.01 -16.62 -15.43
CA TYR C 190 -32.99 -15.51 -15.39
C TYR C 190 -32.25 -14.20 -15.13
N TYR C 191 -31.35 -14.20 -14.12
CA TYR C 191 -30.54 -13.07 -13.72
C TYR C 191 -29.61 -12.65 -14.87
N TYR C 192 -29.04 -13.64 -15.60
CA TYR C 192 -28.19 -13.41 -16.77
C TYR C 192 -28.99 -12.73 -17.87
N CYS C 193 -30.19 -13.25 -18.18
CA CYS C 193 -31.07 -12.69 -19.21
C CYS C 193 -31.52 -11.26 -18.87
N PHE C 194 -31.81 -10.99 -17.58
CA PHE C 194 -32.19 -9.66 -17.14
C PHE C 194 -31.04 -8.67 -17.32
N ILE C 195 -29.84 -9.02 -16.82
CA ILE C 195 -28.62 -8.19 -16.91
C ILE C 195 -28.18 -7.99 -18.38
N THR C 196 -28.46 -8.97 -19.28
CA THR C 196 -28.15 -8.87 -20.70
C THR C 196 -29.09 -7.89 -21.41
N LEU C 197 -30.41 -8.15 -21.34
CA LEU C 197 -31.47 -7.38 -22.02
C LEU C 197 -31.69 -5.97 -21.44
N THR C 198 -31.08 -5.63 -20.29
CA THR C 198 -31.14 -4.26 -19.74
C THR C 198 -29.84 -3.51 -20.11
N THR C 199 -28.92 -4.20 -20.82
CA THR C 199 -27.60 -3.76 -21.31
C THR C 199 -26.63 -3.43 -20.18
N ILE C 200 -26.89 -3.95 -18.95
CA ILE C 200 -26.00 -3.76 -17.80
C ILE C 200 -24.72 -4.56 -18.09
N GLY C 201 -24.88 -5.84 -18.42
CA GLY C 201 -23.82 -6.77 -18.77
C GLY C 201 -22.59 -6.77 -17.88
N PHE C 202 -22.76 -7.18 -16.60
CA PHE C 202 -21.66 -7.27 -15.63
C PHE C 202 -20.56 -8.19 -16.15
N GLY C 203 -20.94 -9.34 -16.71
CA GLY C 203 -20.03 -10.34 -17.23
C GLY C 203 -19.79 -11.49 -16.27
N ASP C 204 -20.47 -11.48 -15.11
CA ASP C 204 -20.37 -12.53 -14.08
C ASP C 204 -20.94 -13.86 -14.57
N TYR C 205 -21.88 -13.77 -15.53
CA TYR C 205 -22.52 -14.87 -16.25
C TYR C 205 -22.49 -14.45 -17.71
N VAL C 206 -21.87 -15.28 -18.57
CA VAL C 206 -21.75 -15.00 -20.00
C VAL C 206 -21.99 -16.32 -20.71
N ALA C 207 -22.93 -16.33 -21.67
CA ALA C 207 -23.19 -17.54 -22.45
C ALA C 207 -22.10 -17.73 -23.50
N LEU C 208 -21.97 -18.94 -24.06
CA LEU C 208 -21.00 -19.34 -25.09
C LEU C 208 -19.54 -19.35 -24.58
N GLN C 209 -19.34 -19.52 -23.25
CA GLN C 209 -18.01 -19.52 -22.65
C GLN C 209 -17.59 -20.89 -22.07
N LYS C 210 -18.42 -21.94 -22.28
CA LYS C 210 -18.15 -23.28 -21.80
C LYS C 210 -18.02 -24.28 -22.96
N ASP C 211 -17.10 -25.25 -22.80
CA ASP C 211 -16.82 -26.35 -23.74
C ASP C 211 -16.60 -25.90 -25.20
N GLN C 212 -15.89 -24.75 -25.38
CA GLN C 212 -15.53 -24.15 -26.67
C GLN C 212 -16.75 -23.94 -27.60
N ALA C 213 -17.89 -23.52 -27.00
CA ALA C 213 -19.17 -23.30 -27.68
C ALA C 213 -19.09 -22.43 -28.92
N LEU C 214 -18.29 -21.36 -28.90
CA LEU C 214 -18.10 -20.43 -30.02
C LEU C 214 -17.57 -21.12 -31.28
N GLN C 215 -16.75 -22.16 -31.10
CA GLN C 215 -16.14 -22.90 -32.21
C GLN C 215 -16.76 -24.27 -32.49
N THR C 216 -17.28 -24.96 -31.45
CA THR C 216 -17.83 -26.32 -31.59
C THR C 216 -19.37 -26.45 -31.64
N GLN C 217 -20.13 -25.47 -31.09
CA GLN C 217 -21.60 -25.53 -31.05
C GLN C 217 -22.25 -24.38 -31.86
N PRO C 218 -22.27 -24.44 -33.23
CA PRO C 218 -22.84 -23.33 -34.01
C PRO C 218 -24.33 -23.07 -33.82
N GLN C 219 -25.12 -24.13 -33.59
CA GLN C 219 -26.56 -24.05 -33.39
C GLN C 219 -26.91 -23.23 -32.13
N TYR C 220 -26.22 -23.50 -31.01
CA TYR C 220 -26.40 -22.77 -29.74
C TYR C 220 -25.92 -21.32 -29.86
N VAL C 221 -24.83 -21.08 -30.63
CA VAL C 221 -24.28 -19.74 -30.90
C VAL C 221 -25.31 -18.92 -31.68
N ALA C 222 -25.95 -19.54 -32.71
CA ALA C 222 -26.99 -18.95 -33.53
C ALA C 222 -28.20 -18.55 -32.68
N PHE C 223 -28.65 -19.45 -31.76
CA PHE C 223 -29.76 -19.19 -30.84
C PHE C 223 -29.45 -18.00 -29.92
N SER C 224 -28.24 -18.00 -29.30
CA SER C 224 -27.77 -16.97 -28.37
C SER C 224 -27.82 -15.60 -29.02
N PHE C 225 -27.29 -15.48 -30.25
CA PHE C 225 -27.27 -14.21 -30.98
C PHE C 225 -28.69 -13.74 -31.31
N VAL C 226 -29.57 -14.69 -31.71
CA VAL C 226 -30.98 -14.39 -32.04
C VAL C 226 -31.75 -13.96 -30.80
N TYR C 227 -31.54 -14.66 -29.66
CA TYR C 227 -32.17 -14.33 -28.39
C TYR C 227 -31.78 -12.93 -27.92
N ILE C 228 -30.48 -12.58 -28.02
CA ILE C 228 -29.97 -11.27 -27.59
C ILE C 228 -30.61 -10.15 -28.42
N LEU C 229 -30.62 -10.30 -29.75
CA LEU C 229 -31.19 -9.32 -30.67
C LEU C 229 -32.72 -9.22 -30.57
N THR C 230 -33.45 -10.37 -30.59
CA THR C 230 -34.92 -10.33 -30.47
C THR C 230 -35.38 -9.86 -29.08
N GLY C 231 -34.67 -10.32 -28.03
CA GLY C 231 -34.93 -9.94 -26.65
C GLY C 231 -34.79 -8.45 -26.41
N LEU C 232 -33.77 -7.83 -27.02
CA LEU C 232 -33.53 -6.39 -26.95
C LEU C 232 -34.60 -5.61 -27.71
N THR C 233 -35.21 -6.22 -28.73
CA THR C 233 -36.30 -5.61 -29.50
C THR C 233 -37.57 -5.59 -28.64
N VAL C 234 -37.81 -6.66 -27.85
CA VAL C 234 -38.95 -6.79 -26.94
C VAL C 234 -38.88 -5.70 -25.83
N ILE C 235 -37.68 -5.52 -25.22
CA ILE C 235 -37.47 -4.49 -24.19
C ILE C 235 -37.52 -3.10 -24.86
N GLY C 236 -36.94 -2.99 -26.05
CA GLY C 236 -36.93 -1.77 -26.84
C GLY C 236 -38.32 -1.27 -27.18
N ALA C 237 -39.22 -2.20 -27.53
CA ALA C 237 -40.63 -1.92 -27.83
C ALA C 237 -41.37 -1.38 -26.61
N PHE C 238 -41.01 -1.86 -25.40
CA PHE C 238 -41.61 -1.42 -24.13
C PHE C 238 -41.17 0.01 -23.78
N LEU C 239 -39.89 0.33 -24.03
CA LEU C 239 -39.33 1.67 -23.78
C LEU C 239 -39.94 2.68 -24.74
N ASN C 240 -40.17 2.27 -26.01
CA ASN C 240 -40.78 3.11 -27.05
C ASN C 240 -42.21 3.47 -26.66
N LEU C 241 -42.91 2.51 -26.04
CA LEU C 241 -44.29 2.66 -25.60
C LEU C 241 -44.43 3.48 -24.32
N VAL C 242 -43.62 3.17 -23.29
CA VAL C 242 -43.74 3.75 -21.94
C VAL C 242 -42.76 4.88 -21.63
N VAL C 243 -41.43 4.66 -21.79
CA VAL C 243 -40.38 5.58 -21.37
C VAL C 243 -40.12 6.76 -22.35
N LEU C 244 -39.91 6.48 -23.65
CA LEU C 244 -39.57 7.45 -24.70
C LEU C 244 -40.35 8.78 -24.67
N ARG C 245 -41.67 8.72 -24.40
CA ARG C 245 -42.55 9.91 -24.32
C ARG C 245 -42.10 10.97 -23.29
N PHE C 246 -41.47 10.52 -22.18
CA PHE C 246 -40.99 11.37 -21.09
C PHE C 246 -39.66 12.07 -21.38
N MET C 247 -38.91 11.59 -22.40
CA MET C 247 -37.62 12.15 -22.79
C MET C 247 -37.76 13.38 -23.68
N THR C 248 -38.88 13.46 -24.42
CA THR C 248 -39.22 14.56 -25.32
C THR C 248 -40.09 15.62 -24.63
N MET C 249 -40.49 15.35 -23.36
CA MET C 249 -41.36 16.20 -22.53
C MET C 249 -40.86 17.63 -22.33
N ASN C 250 -39.55 17.81 -22.05
CA ASN C 250 -38.95 19.13 -21.84
C ASN C 250 -38.98 19.95 -23.13
N ALA C 251 -38.77 19.30 -24.30
CA ALA C 251 -38.80 19.92 -25.62
C ALA C 251 -40.23 20.32 -25.99
N GLU C 252 -41.23 19.51 -25.58
CA GLU C 252 -42.65 19.77 -25.83
C GLU C 252 -43.11 20.98 -25.02
N ASP C 253 -42.64 21.09 -23.77
CA ASP C 253 -42.96 22.20 -22.86
C ASP C 253 -42.28 23.52 -23.28
N GLU C 254 -41.06 23.45 -23.87
CA GLU C 254 -40.29 24.60 -24.36
C GLU C 254 -40.95 25.16 -25.63
N LYS C 255 -41.50 24.27 -26.48
CA LYS C 255 -42.24 24.64 -27.70
C LYS C 255 -43.56 25.32 -27.30
N ARG C 256 -44.20 24.83 -26.21
CA ARG C 256 -45.44 25.37 -25.64
C ARG C 256 -45.21 26.77 -25.06
N ASP C 257 -44.01 27.02 -24.51
CA ASP C 257 -43.60 28.32 -23.94
C ASP C 257 -43.54 29.40 -25.03
N ALA C 258 -42.97 29.06 -26.21
CA ALA C 258 -42.84 29.96 -27.35
C ALA C 258 -44.21 30.15 -28.03
N MET D 1 -44.26 -0.34 -50.85
CA MET D 1 -44.07 -0.51 -49.41
C MET D 1 -44.02 0.84 -48.70
N LYS D 2 -44.69 0.93 -47.51
CA LYS D 2 -44.76 2.12 -46.66
C LYS D 2 -43.37 2.61 -46.24
N ARG D 3 -43.21 3.93 -46.07
CA ARG D 3 -41.94 4.57 -45.66
C ARG D 3 -41.38 3.99 -44.35
N GLN D 4 -42.27 3.72 -43.37
CA GLN D 4 -41.91 3.14 -42.06
C GLN D 4 -41.25 1.79 -42.22
N ASN D 5 -41.86 0.90 -43.04
CA ASN D 5 -41.39 -0.46 -43.29
C ASN D 5 -40.08 -0.50 -44.05
N VAL D 6 -39.86 0.45 -44.98
CA VAL D 6 -38.62 0.57 -45.76
C VAL D 6 -37.49 1.00 -44.80
N ARG D 7 -37.77 2.00 -43.93
CA ARG D 7 -36.83 2.53 -42.95
C ARG D 7 -36.36 1.46 -41.96
N THR D 8 -37.31 0.69 -41.38
CA THR D 8 -37.04 -0.37 -40.41
C THR D 8 -36.21 -1.49 -41.05
N LEU D 9 -36.58 -1.93 -42.27
CA LEU D 9 -35.84 -2.96 -43.00
C LEU D 9 -34.43 -2.50 -43.36
N ALA D 10 -34.26 -1.20 -43.71
CA ALA D 10 -32.97 -0.60 -44.02
C ALA D 10 -32.06 -0.65 -42.80
N LEU D 11 -32.61 -0.32 -41.61
CA LEU D 11 -31.90 -0.33 -40.33
C LEU D 11 -31.44 -1.73 -39.91
N ILE D 12 -32.29 -2.77 -40.17
CA ILE D 12 -31.98 -4.17 -39.85
C ILE D 12 -30.82 -4.64 -40.75
N VAL D 13 -30.89 -4.34 -42.07
CA VAL D 13 -29.85 -4.68 -43.05
C VAL D 13 -28.55 -3.93 -42.69
N CYS D 14 -28.65 -2.65 -42.25
CA CYS D 14 -27.52 -1.83 -41.83
C CYS D 14 -26.80 -2.43 -40.62
N THR D 15 -27.54 -2.78 -39.56
CA THR D 15 -27.01 -3.34 -38.32
C THR D 15 -26.31 -4.68 -38.56
N PHE D 16 -26.95 -5.60 -39.31
CA PHE D 16 -26.37 -6.91 -39.59
C PHE D 16 -25.09 -6.83 -40.43
N THR D 17 -25.05 -5.92 -41.44
CA THR D 17 -23.86 -5.73 -42.26
C THR D 17 -22.74 -5.06 -41.46
N TYR D 18 -23.11 -4.17 -40.51
CA TYR D 18 -22.20 -3.48 -39.61
C TYR D 18 -21.57 -4.49 -38.65
N LEU D 19 -22.33 -5.53 -38.26
CA LEU D 19 -21.88 -6.61 -37.40
C LEU D 19 -20.89 -7.52 -38.13
N LEU D 20 -21.17 -7.86 -39.41
CA LEU D 20 -20.30 -8.70 -40.26
C LEU D 20 -18.98 -7.99 -40.55
N VAL D 21 -19.06 -6.69 -40.89
CA VAL D 21 -17.88 -5.84 -41.17
C VAL D 21 -17.04 -5.70 -39.88
N GLY D 22 -17.72 -5.50 -38.75
CA GLY D 22 -17.10 -5.39 -37.43
C GLY D 22 -16.36 -6.65 -37.05
N ALA D 23 -17.03 -7.82 -37.18
CA ALA D 23 -16.46 -9.15 -36.90
C ALA D 23 -15.24 -9.43 -37.78
N ALA D 24 -15.27 -8.95 -39.04
CA ALA D 24 -14.17 -9.10 -40.00
C ALA D 24 -12.94 -8.28 -39.57
N VAL D 25 -13.15 -7.03 -39.10
CA VAL D 25 -12.08 -6.13 -38.67
C VAL D 25 -11.46 -6.60 -37.34
N PHE D 26 -12.29 -6.91 -36.33
CA PHE D 26 -11.80 -7.39 -35.02
C PHE D 26 -10.99 -8.68 -35.13
N ASP D 27 -11.30 -9.51 -36.14
CA ASP D 27 -10.60 -10.75 -36.46
C ASP D 27 -9.20 -10.38 -36.95
N ALA D 28 -9.11 -9.43 -37.90
CA ALA D 28 -7.85 -8.94 -38.49
C ALA D 28 -6.91 -8.28 -37.48
N LEU D 29 -7.48 -7.62 -36.44
CA LEU D 29 -6.73 -6.89 -35.42
C LEU D 29 -6.43 -7.67 -34.14
N GLU D 30 -7.26 -8.67 -33.79
CA GLU D 30 -7.09 -9.38 -32.51
C GLU D 30 -6.80 -10.89 -32.59
N SER D 31 -7.17 -11.58 -33.69
CA SER D 31 -6.96 -13.04 -33.81
C SER D 31 -5.52 -13.49 -33.60
N GLU D 32 -4.56 -12.98 -34.43
CA GLU D 32 -3.14 -13.32 -34.32
C GLU D 32 -2.55 -12.99 -32.93
N PRO D 33 -2.70 -11.74 -32.38
CA PRO D 33 -2.16 -11.47 -31.03
C PRO D 33 -2.69 -12.41 -29.94
N GLU D 34 -3.97 -12.83 -30.03
CA GLU D 34 -4.64 -13.74 -29.09
C GLU D 34 -3.98 -15.13 -29.16
N LEU D 35 -3.74 -15.64 -30.38
CA LEU D 35 -3.11 -16.94 -30.62
C LEU D 35 -1.68 -16.94 -30.07
N ILE D 36 -0.94 -15.83 -30.29
CA ILE D 36 0.44 -15.63 -29.82
C ILE D 36 0.47 -15.59 -28.28
N GLU D 37 -0.46 -14.83 -27.66
CA GLU D 37 -0.56 -14.70 -26.20
C GLU D 37 -0.99 -16.02 -25.54
N ARG D 38 -1.91 -16.78 -26.17
CA ARG D 38 -2.38 -18.07 -25.64
C ARG D 38 -1.22 -19.05 -25.57
N GLN D 39 -0.36 -19.08 -26.61
CA GLN D 39 0.79 -19.97 -26.69
C GLN D 39 1.86 -19.60 -25.67
N ARG D 40 2.16 -18.29 -25.52
CA ARG D 40 3.15 -17.77 -24.58
C ARG D 40 2.78 -18.11 -23.15
N LEU D 41 1.49 -17.89 -22.76
CA LEU D 41 0.98 -18.16 -21.41
C LEU D 41 0.93 -19.63 -21.06
N GLU D 42 0.60 -20.50 -22.04
CA GLU D 42 0.54 -21.95 -21.86
C GLU D 42 1.93 -22.53 -21.60
N LEU D 43 2.99 -21.84 -22.10
CA LEU D 43 4.38 -22.23 -21.87
C LEU D 43 4.78 -21.86 -20.44
N ARG D 44 4.38 -20.65 -19.98
CA ARG D 44 4.63 -20.14 -18.63
C ARG D 44 3.92 -21.00 -17.60
N GLN D 45 2.68 -21.44 -17.92
CA GLN D 45 1.85 -22.29 -17.07
C GLN D 45 2.52 -23.66 -16.85
N GLN D 46 3.11 -24.24 -17.92
CA GLN D 46 3.81 -25.51 -17.88
C GLN D 46 5.13 -25.40 -17.10
N GLU D 47 5.88 -24.30 -17.33
CA GLU D 47 7.16 -24.02 -16.68
C GLU D 47 7.00 -23.78 -15.17
N LEU D 48 5.95 -23.05 -14.76
CA LEU D 48 5.67 -22.81 -13.35
C LEU D 48 5.13 -24.04 -12.63
N ARG D 49 4.36 -24.90 -13.34
CA ARG D 49 3.83 -26.14 -12.80
C ARG D 49 4.97 -27.14 -12.53
N ALA D 50 6.02 -27.10 -13.38
CA ALA D 50 7.19 -27.95 -13.24
C ALA D 50 8.10 -27.44 -12.13
N ARG D 51 8.30 -26.12 -12.05
CA ARG D 51 9.16 -25.45 -11.06
C ARG D 51 8.72 -25.64 -9.61
N TYR D 52 7.39 -25.65 -9.36
CA TYR D 52 6.84 -25.78 -8.02
C TYR D 52 6.13 -27.13 -7.79
N ASN D 53 6.50 -28.15 -8.60
CA ASN D 53 5.99 -29.54 -8.58
C ASN D 53 4.47 -29.62 -8.38
N LEU D 54 3.73 -29.13 -9.38
CA LEU D 54 2.27 -29.07 -9.38
C LEU D 54 1.65 -29.95 -10.43
N SER D 55 0.68 -30.78 -10.01
CA SER D 55 -0.07 -31.69 -10.87
C SER D 55 -1.22 -30.95 -11.56
N GLN D 56 -2.00 -31.67 -12.39
CA GLN D 56 -3.16 -31.13 -13.11
C GLN D 56 -4.23 -30.69 -12.08
N GLY D 57 -4.42 -31.49 -11.04
CA GLY D 57 -5.35 -31.21 -9.95
C GLY D 57 -4.83 -30.15 -8.99
N GLY D 58 -3.51 -30.14 -8.78
CA GLY D 58 -2.82 -29.19 -7.90
C GLY D 58 -2.91 -27.76 -8.38
N TYR D 59 -2.82 -27.57 -9.72
CA TYR D 59 -2.94 -26.27 -10.38
C TYR D 59 -4.40 -25.82 -10.40
N GLU D 60 -5.34 -26.74 -10.72
CA GLU D 60 -6.79 -26.50 -10.79
C GLU D 60 -7.38 -26.00 -9.47
N GLU D 61 -6.89 -26.54 -8.32
CA GLU D 61 -7.32 -26.14 -6.98
C GLU D 61 -6.85 -24.71 -6.67
N LEU D 62 -5.62 -24.37 -7.13
CA LEU D 62 -5.03 -23.03 -6.97
C LEU D 62 -5.69 -22.03 -7.94
N GLU D 63 -6.18 -22.55 -9.08
CA GLU D 63 -6.85 -21.78 -10.13
C GLU D 63 -8.17 -21.22 -9.62
N ARG D 64 -8.92 -22.02 -8.86
CA ARG D 64 -10.22 -21.64 -8.28
C ARG D 64 -10.08 -20.52 -7.24
N VAL D 65 -9.03 -20.57 -6.41
CA VAL D 65 -8.75 -19.59 -5.35
C VAL D 65 -8.36 -18.22 -5.93
N VAL D 66 -7.43 -18.20 -6.91
CA VAL D 66 -6.95 -16.97 -7.58
C VAL D 66 -8.10 -16.20 -8.23
N LEU D 67 -8.99 -16.92 -8.94
CA LEU D 67 -10.16 -16.36 -9.62
C LEU D 67 -11.20 -15.79 -8.65
N ARG D 68 -11.48 -16.53 -7.55
CA ARG D 68 -12.43 -16.11 -6.51
C ARG D 68 -11.92 -14.94 -5.66
N LEU D 69 -10.58 -14.79 -5.54
CA LEU D 69 -9.95 -13.71 -4.77
C LEU D 69 -9.84 -12.39 -5.56
N LYS D 70 -10.01 -12.43 -6.91
CA LYS D 70 -9.92 -11.28 -7.80
C LYS D 70 -10.76 -10.05 -7.35
N PRO D 71 -12.08 -10.19 -7.01
CA PRO D 71 -12.84 -8.99 -6.56
C PRO D 71 -12.40 -8.47 -5.20
N HIS D 72 -11.85 -9.35 -4.35
CA HIS D 72 -11.36 -9.01 -3.02
C HIS D 72 -9.99 -8.33 -3.08
N LYS D 73 -9.17 -8.66 -4.13
CA LYS D 73 -7.82 -8.13 -4.38
C LYS D 73 -7.78 -6.59 -4.42
N ALA D 74 -8.79 -5.96 -5.06
CA ALA D 74 -8.94 -4.50 -5.17
C ALA D 74 -9.21 -3.84 -3.79
N GLY D 75 -9.83 -4.62 -2.90
CA GLY D 75 -10.20 -4.21 -1.55
C GLY D 75 -11.68 -4.45 -1.25
N VAL D 76 -12.21 -3.76 -0.23
CA VAL D 76 -13.61 -3.83 0.16
C VAL D 76 -14.42 -3.08 -0.89
N GLN D 77 -15.23 -3.82 -1.64
CA GLN D 77 -16.05 -3.32 -2.75
C GLN D 77 -17.51 -3.10 -2.35
N TRP D 78 -17.90 -3.42 -1.09
CA TRP D 78 -19.31 -3.35 -0.71
C TRP D 78 -19.68 -2.47 0.49
N ARG D 79 -18.76 -1.64 1.03
CA ARG D 79 -19.17 -0.73 2.11
C ARG D 79 -19.98 0.43 1.47
N PHE D 80 -20.23 1.56 2.17
CA PHE D 80 -21.04 2.64 1.56
C PHE D 80 -20.49 3.15 0.21
N ALA D 81 -19.17 3.46 0.13
CA ALA D 81 -18.53 3.96 -1.10
C ALA D 81 -18.60 2.97 -2.26
N GLY D 82 -18.27 1.71 -1.99
CA GLY D 82 -18.28 0.61 -2.94
C GLY D 82 -19.66 0.25 -3.44
N SER D 83 -20.68 0.37 -2.55
CA SER D 83 -22.07 0.10 -2.89
C SER D 83 -22.64 1.22 -3.78
N PHE D 84 -22.27 2.50 -3.49
CA PHE D 84 -22.71 3.69 -4.24
C PHE D 84 -22.16 3.65 -5.66
N TYR D 85 -20.88 3.26 -5.81
CA TYR D 85 -20.19 3.10 -7.09
C TYR D 85 -20.90 2.02 -7.89
N PHE D 86 -21.28 0.90 -7.22
CA PHE D 86 -22.03 -0.21 -7.82
C PHE D 86 -23.44 0.24 -8.22
N ALA D 87 -24.12 1.02 -7.35
CA ALA D 87 -25.46 1.56 -7.61
C ALA D 87 -25.43 2.42 -8.87
N ILE D 88 -24.31 3.19 -9.08
CA ILE D 88 -24.11 4.01 -10.29
C ILE D 88 -24.09 3.11 -11.52
N THR D 89 -23.22 2.07 -11.54
CA THR D 89 -23.03 1.11 -12.64
C THR D 89 -24.33 0.39 -13.05
N VAL D 90 -25.25 0.15 -12.09
CA VAL D 90 -26.53 -0.52 -12.35
C VAL D 90 -27.51 0.38 -13.10
N ILE D 91 -27.91 1.51 -12.49
CA ILE D 91 -28.94 2.40 -13.03
C ILE D 91 -28.47 3.16 -14.28
N THR D 92 -27.14 3.32 -14.49
CA THR D 92 -26.61 3.98 -15.68
C THR D 92 -26.33 2.96 -16.80
N THR D 93 -26.52 1.66 -16.54
CA THR D 93 -26.30 0.49 -17.43
C THR D 93 -24.82 0.30 -17.81
N ILE D 94 -23.88 0.93 -17.09
CA ILE D 94 -22.43 0.78 -17.34
C ILE D 94 -22.02 -0.66 -17.04
N GLY D 95 -22.37 -1.12 -15.84
CA GLY D 95 -22.13 -2.47 -15.32
C GLY D 95 -20.77 -3.05 -15.60
N TYR D 96 -19.70 -2.46 -15.01
CA TYR D 96 -18.32 -2.93 -15.17
C TYR D 96 -18.19 -4.41 -14.83
N GLY D 97 -18.84 -4.82 -13.74
CA GLY D 97 -18.81 -6.19 -13.25
C GLY D 97 -17.63 -6.46 -12.35
N HIS D 98 -16.90 -5.40 -11.93
CA HIS D 98 -15.75 -5.45 -11.03
C HIS D 98 -16.22 -5.98 -9.67
N ALA D 99 -17.46 -5.63 -9.30
CA ALA D 99 -18.19 -6.05 -8.12
C ALA D 99 -19.62 -6.33 -8.58
N ALA D 100 -20.09 -7.56 -8.36
CA ALA D 100 -21.44 -8.01 -8.73
C ALA D 100 -22.07 -8.65 -7.48
N PRO D 101 -23.43 -8.65 -7.33
CA PRO D 101 -24.03 -9.24 -6.10
C PRO D 101 -23.77 -10.74 -6.01
N SER D 102 -23.09 -11.15 -4.93
CA SER D 102 -22.74 -12.55 -4.66
C SER D 102 -23.90 -13.32 -4.01
N THR D 103 -24.85 -12.61 -3.36
CA THR D 103 -26.01 -13.21 -2.69
C THR D 103 -27.26 -13.18 -3.57
N ASP D 104 -28.15 -14.17 -3.37
CA ASP D 104 -29.43 -14.30 -4.09
C ASP D 104 -30.35 -13.10 -3.83
N GLY D 105 -30.35 -12.60 -2.59
CA GLY D 105 -31.10 -11.41 -2.21
C GLY D 105 -30.58 -10.16 -2.88
N GLY D 106 -29.24 -10.08 -2.98
CA GLY D 106 -28.55 -8.99 -3.66
C GLY D 106 -28.90 -8.96 -5.13
N LYS D 107 -28.84 -10.14 -5.79
CA LYS D 107 -29.19 -10.34 -7.19
C LYS D 107 -30.65 -9.97 -7.48
N VAL D 108 -31.58 -10.32 -6.56
CA VAL D 108 -33.02 -10.02 -6.66
C VAL D 108 -33.27 -8.51 -6.48
N PHE D 109 -32.73 -7.90 -5.41
CA PHE D 109 -32.89 -6.46 -5.17
C PHE D 109 -32.32 -5.67 -6.34
N CYS D 110 -31.19 -6.14 -6.90
CA CYS D 110 -30.50 -5.54 -8.05
C CYS D 110 -31.42 -5.48 -9.28
N MET D 111 -32.22 -6.54 -9.52
CA MET D 111 -33.16 -6.61 -10.64
C MET D 111 -34.31 -5.61 -10.49
N PHE D 112 -34.94 -5.55 -9.30
CA PHE D 112 -36.01 -4.58 -9.01
C PHE D 112 -35.45 -3.13 -9.04
N TYR D 113 -34.21 -2.96 -8.54
CA TYR D 113 -33.48 -1.68 -8.47
C TYR D 113 -33.24 -1.12 -9.87
N ALA D 114 -32.84 -1.99 -10.81
CA ALA D 114 -32.58 -1.66 -12.21
C ALA D 114 -33.88 -1.35 -12.96
N LEU D 115 -34.94 -2.16 -12.72
CA LEU D 115 -36.26 -2.03 -13.35
C LEU D 115 -36.83 -0.62 -13.27
N LEU D 116 -36.73 0.01 -12.09
CA LEU D 116 -37.22 1.37 -11.86
C LEU D 116 -36.09 2.43 -12.03
N GLY D 117 -34.85 2.06 -11.71
CA GLY D 117 -33.69 2.94 -11.78
C GLY D 117 -33.27 3.38 -13.16
N ILE D 118 -33.02 2.41 -14.06
CA ILE D 118 -32.62 2.64 -15.46
C ILE D 118 -33.58 3.65 -16.15
N PRO D 119 -34.94 3.48 -16.16
CA PRO D 119 -35.80 4.50 -16.79
C PRO D 119 -35.67 5.87 -16.14
N LEU D 120 -35.63 5.92 -14.80
CA LEU D 120 -35.47 7.15 -14.04
C LEU D 120 -34.18 7.90 -14.43
N THR D 121 -33.04 7.17 -14.54
CA THR D 121 -31.71 7.71 -14.90
C THR D 121 -31.68 8.16 -16.37
N LEU D 122 -32.28 7.34 -17.27
CA LEU D 122 -32.38 7.62 -18.69
C LEU D 122 -33.16 8.91 -18.94
N VAL D 123 -34.33 9.05 -18.28
CA VAL D 123 -35.21 10.22 -18.39
C VAL D 123 -34.50 11.46 -17.83
N MET D 124 -33.84 11.32 -16.64
CA MET D 124 -33.08 12.37 -15.96
C MET D 124 -31.97 12.93 -16.86
N PHE D 125 -31.18 12.05 -17.52
CA PHE D 125 -30.10 12.47 -18.41
C PHE D 125 -30.60 13.16 -19.68
N GLN D 126 -31.77 12.73 -20.21
CA GLN D 126 -32.36 13.34 -21.40
C GLN D 126 -32.99 14.68 -21.05
N SER D 127 -33.56 14.79 -19.82
CA SER D 127 -34.17 16.02 -19.33
C SER D 127 -33.10 17.07 -19.01
N LEU D 128 -32.02 16.70 -18.27
CA LEU D 128 -30.90 17.60 -17.94
C LEU D 128 -30.10 17.93 -19.19
N GLY D 129 -30.01 16.96 -20.11
CA GLY D 129 -29.33 17.13 -21.39
C GLY D 129 -29.99 18.19 -22.25
N GLU D 130 -31.34 18.20 -22.28
CA GLU D 130 -32.18 19.17 -23.00
C GLU D 130 -32.01 20.56 -22.39
N ARG D 131 -32.01 20.67 -21.03
CA ARG D 131 -31.82 21.93 -20.31
C ARG D 131 -30.46 22.55 -20.61
N ILE D 132 -29.42 21.71 -20.76
CA ILE D 132 -28.06 22.13 -21.10
C ILE D 132 -28.04 22.69 -22.52
N ASN D 133 -28.71 21.99 -23.48
CA ASN D 133 -28.83 22.43 -24.87
C ASN D 133 -29.55 23.77 -24.98
N THR D 134 -30.66 23.93 -24.21
CA THR D 134 -31.46 25.16 -24.15
C THR D 134 -30.63 26.34 -23.63
N LEU D 135 -29.78 26.08 -22.60
CA LEU D 135 -28.89 27.08 -22.01
C LEU D 135 -27.81 27.50 -23.02
N VAL D 136 -27.16 26.50 -23.69
CA VAL D 136 -26.13 26.71 -24.70
C VAL D 136 -26.69 27.52 -25.87
N ARG D 137 -27.91 27.16 -26.33
CA ARG D 137 -28.65 27.84 -27.41
C ARG D 137 -28.92 29.30 -27.01
N TYR D 138 -29.24 29.54 -25.72
CA TYR D 138 -29.48 30.89 -25.20
C TYR D 138 -28.19 31.69 -25.12
N LEU D 139 -27.11 31.07 -24.57
CA LEU D 139 -25.79 31.69 -24.42
C LEU D 139 -25.20 32.08 -25.77
N LEU D 140 -25.32 31.20 -26.78
CA LEU D 140 -24.84 31.44 -28.14
C LEU D 140 -25.62 32.56 -28.83
N HIS D 141 -26.95 32.64 -28.59
CA HIS D 141 -27.83 33.67 -29.13
C HIS D 141 -27.48 35.03 -28.54
N ARG D 142 -27.21 35.08 -27.22
CA ARG D 142 -26.82 36.29 -26.50
C ARG D 142 -25.43 36.78 -26.93
N ALA D 143 -24.47 35.85 -27.11
CA ALA D 143 -23.10 36.15 -27.54
C ALA D 143 -23.08 36.67 -28.98
N LYS D 144 -23.95 36.11 -29.85
CA LYS D 144 -24.11 36.51 -31.26
C LYS D 144 -24.65 37.94 -31.37
N LYS D 145 -25.63 38.31 -30.51
CA LYS D 145 -26.21 39.65 -30.45
C LYS D 145 -25.21 40.66 -29.87
N GLY D 146 -24.29 40.16 -29.02
CA GLY D 146 -23.26 40.96 -28.37
C GLY D 146 -22.22 41.50 -29.33
N LEU D 147 -21.70 40.62 -30.21
CA LEU D 147 -20.68 40.96 -31.22
C LEU D 147 -21.22 41.78 -32.41
N GLY D 148 -22.47 41.53 -32.77
CA GLY D 148 -23.11 42.25 -33.88
C GLY D 148 -23.95 41.35 -34.76
N MET D 149 -25.27 41.27 -34.46
CA MET D 149 -26.32 40.49 -35.13
C MET D 149 -27.68 40.90 -34.57
N ARG D 150 -28.67 41.13 -35.45
CA ARG D 150 -30.03 41.50 -35.05
C ARG D 150 -30.87 40.22 -34.84
N ARG D 151 -30.93 39.35 -35.87
CA ARG D 151 -31.62 38.07 -35.84
C ARG D 151 -30.54 37.00 -35.66
N ALA D 152 -29.93 36.98 -34.45
CA ALA D 152 -28.83 36.10 -34.05
C ALA D 152 -29.31 34.67 -33.84
N ASP D 153 -29.89 34.08 -34.90
CA ASP D 153 -30.45 32.73 -34.87
C ASP D 153 -29.38 31.65 -34.75
N VAL D 154 -29.57 30.75 -33.78
CA VAL D 154 -28.68 29.62 -33.49
C VAL D 154 -29.16 28.44 -34.36
N SER D 155 -28.28 27.97 -35.26
CA SER D 155 -28.59 26.87 -36.16
C SER D 155 -28.32 25.52 -35.51
N MET D 156 -28.81 24.45 -36.16
CA MET D 156 -28.63 23.07 -35.72
C MET D 156 -27.15 22.70 -35.85
N ALA D 157 -26.51 23.15 -36.94
CA ALA D 157 -25.10 22.93 -37.24
C ALA D 157 -24.16 23.50 -36.17
N ASN D 158 -24.50 24.71 -35.61
CA ASN D 158 -23.74 25.35 -34.53
C ASN D 158 -23.84 24.52 -33.27
N MET D 159 -25.03 23.93 -33.02
CA MET D 159 -25.33 23.09 -31.86
C MET D 159 -24.60 21.76 -31.91
N VAL D 160 -24.49 21.15 -33.10
CA VAL D 160 -23.80 19.87 -33.32
C VAL D 160 -22.27 20.08 -33.11
N LEU D 161 -21.76 21.24 -33.49
CA LEU D 161 -20.35 21.62 -33.32
C LEU D 161 -19.99 21.78 -31.84
N ILE D 162 -20.78 22.57 -31.07
CA ILE D 162 -20.59 22.78 -29.63
C ILE D 162 -20.77 21.45 -28.88
N GLY D 163 -21.78 20.67 -29.27
CA GLY D 163 -22.07 19.37 -28.70
C GLY D 163 -20.94 18.39 -28.85
N PHE D 164 -20.42 18.27 -30.08
CA PHE D 164 -19.31 17.37 -30.41
C PHE D 164 -18.00 17.75 -29.72
N PHE D 165 -17.71 19.07 -29.64
CA PHE D 165 -16.53 19.58 -28.96
C PHE D 165 -16.59 19.36 -27.45
N SER D 166 -17.80 19.49 -26.85
CA SER D 166 -18.05 19.27 -25.41
C SER D 166 -17.62 17.85 -25.02
N CYS D 167 -18.03 16.84 -25.81
CA CYS D 167 -17.70 15.42 -25.62
C CYS D 167 -16.19 15.15 -25.71
N ILE D 168 -15.49 15.75 -26.70
CA ILE D 168 -14.03 15.61 -26.90
C ILE D 168 -13.27 16.19 -25.69
N SER D 169 -13.73 17.34 -25.20
CA SER D 169 -13.18 18.02 -24.03
C SER D 169 -13.37 17.13 -22.80
N THR D 170 -14.60 16.58 -22.59
CA THR D 170 -14.97 15.67 -21.48
C THR D 170 -14.03 14.46 -21.44
N LEU D 171 -13.84 13.79 -22.59
CA LEU D 171 -12.99 12.61 -22.72
C LEU D 171 -11.54 12.90 -22.34
N CYS D 172 -10.95 13.99 -22.87
CA CYS D 172 -9.58 14.42 -22.58
C CYS D 172 -9.37 14.82 -21.12
N ILE D 173 -10.37 15.53 -20.52
CA ILE D 173 -10.36 15.98 -19.11
C ILE D 173 -10.35 14.77 -18.17
N GLY D 174 -11.14 13.75 -18.51
CA GLY D 174 -11.18 12.50 -17.77
C GLY D 174 -9.95 11.64 -18.05
N ALA D 175 -9.40 11.76 -19.29
CA ALA D 175 -8.20 11.04 -19.72
C ALA D 175 -6.97 11.56 -19.02
N ALA D 176 -6.93 12.86 -18.71
CA ALA D 176 -5.82 13.49 -18.02
C ALA D 176 -5.87 13.14 -16.53
N ALA D 177 -7.07 13.17 -15.95
CA ALA D 177 -7.33 12.90 -14.55
C ALA D 177 -7.20 11.41 -14.18
N PHE D 178 -7.76 10.49 -15.00
CA PHE D 178 -7.68 9.06 -14.69
C PHE D 178 -6.30 8.45 -14.97
N SER D 179 -5.53 9.00 -15.94
CA SER D 179 -4.17 8.51 -16.23
C SER D 179 -3.21 8.87 -15.09
N HIS D 180 -3.42 10.04 -14.45
CA HIS D 180 -2.63 10.54 -13.33
C HIS D 180 -2.84 9.67 -12.08
N TYR D 181 -4.11 9.46 -11.67
CA TYR D 181 -4.46 8.72 -10.46
C TYR D 181 -4.43 7.20 -10.61
N GLU D 182 -4.68 6.65 -11.81
CA GLU D 182 -4.69 5.20 -12.00
C GLU D 182 -3.41 4.66 -12.59
N HIS D 183 -2.42 5.55 -12.82
CA HIS D 183 -1.12 5.21 -13.38
C HIS D 183 -1.24 4.55 -14.79
N TRP D 184 -2.21 5.01 -15.61
CA TRP D 184 -2.42 4.54 -16.99
C TRP D 184 -1.86 5.56 -17.98
N THR D 185 -1.78 5.18 -19.27
CA THR D 185 -1.36 6.08 -20.34
C THR D 185 -2.60 6.92 -20.72
N PHE D 186 -2.41 8.12 -21.30
CA PHE D 186 -3.52 9.00 -21.71
C PHE D 186 -4.51 8.23 -22.58
N PHE D 187 -3.99 7.42 -23.53
CA PHE D 187 -4.78 6.59 -24.44
C PHE D 187 -5.65 5.57 -23.66
N GLN D 188 -5.08 4.87 -22.66
CA GLN D 188 -5.78 3.88 -21.84
C GLN D 188 -6.91 4.55 -21.05
N ALA D 189 -6.61 5.69 -20.38
CA ALA D 189 -7.58 6.47 -19.60
C ALA D 189 -8.66 7.07 -20.49
N TYR D 190 -8.31 7.47 -21.74
CA TYR D 190 -9.25 7.99 -22.75
C TYR D 190 -10.21 6.87 -23.17
N TYR D 191 -9.67 5.67 -23.42
CA TYR D 191 -10.43 4.46 -23.80
C TYR D 191 -11.39 4.08 -22.67
N TYR D 192 -10.92 4.20 -21.40
CA TYR D 192 -11.73 3.92 -20.22
C TYR D 192 -12.91 4.90 -20.15
N CYS D 193 -12.65 6.22 -20.34
CA CYS D 193 -13.69 7.24 -20.31
C CYS D 193 -14.71 7.02 -21.41
N PHE D 194 -14.23 6.68 -22.62
CA PHE D 194 -15.12 6.42 -23.75
C PHE D 194 -16.06 5.24 -23.46
N ILE D 195 -15.49 4.08 -23.03
CA ILE D 195 -16.22 2.86 -22.70
C ILE D 195 -17.19 3.09 -21.50
N THR D 196 -16.85 4.04 -20.60
CA THR D 196 -17.68 4.41 -19.46
C THR D 196 -18.87 5.27 -19.90
N LEU D 197 -18.58 6.40 -20.60
CA LEU D 197 -19.58 7.38 -21.03
C LEU D 197 -20.50 6.90 -22.18
N THR D 198 -20.23 5.72 -22.76
CA THR D 198 -21.08 5.12 -23.79
C THR D 198 -21.91 3.98 -23.18
N THR D 199 -21.70 3.72 -21.87
CA THR D 199 -22.33 2.69 -21.02
C THR D 199 -22.00 1.26 -21.46
N ILE D 200 -20.90 1.09 -22.23
CA ILE D 200 -20.45 -0.24 -22.66
C ILE D 200 -19.91 -0.96 -21.42
N GLY D 201 -19.00 -0.30 -20.69
CA GLY D 201 -18.40 -0.76 -19.45
C GLY D 201 -17.92 -2.19 -19.43
N PHE D 202 -16.88 -2.51 -20.23
CA PHE D 202 -16.29 -3.85 -20.30
C PHE D 202 -15.80 -4.29 -18.92
N GLY D 203 -15.11 -3.40 -18.23
CA GLY D 203 -14.55 -3.66 -16.91
C GLY D 203 -13.06 -3.99 -16.95
N ASP D 204 -12.45 -3.92 -18.16
CA ASP D 204 -11.01 -4.18 -18.37
C ASP D 204 -10.16 -3.10 -17.73
N TYR D 205 -10.75 -1.89 -17.58
CA TYR D 205 -10.20 -0.71 -16.92
C TYR D 205 -11.31 -0.21 -16.01
N VAL D 206 -11.02 -0.12 -14.70
CA VAL D 206 -11.96 0.36 -13.68
C VAL D 206 -11.20 1.29 -12.72
N ALA D 207 -11.72 2.51 -12.52
CA ALA D 207 -11.13 3.46 -11.60
C ALA D 207 -11.53 3.05 -10.18
N LEU D 208 -10.78 3.56 -9.16
CA LEU D 208 -10.99 3.31 -7.72
C LEU D 208 -10.72 1.86 -7.28
N GLN D 209 -9.95 1.08 -8.08
CA GLN D 209 -9.64 -0.33 -7.79
C GLN D 209 -8.18 -0.57 -7.36
N LYS D 210 -7.39 0.50 -7.21
CA LYS D 210 -6.00 0.45 -6.80
C LYS D 210 -5.77 1.17 -5.47
N ASP D 211 -4.87 0.60 -4.64
CA ASP D 211 -4.44 1.12 -3.33
C ASP D 211 -5.61 1.45 -2.37
N GLN D 212 -6.68 0.60 -2.39
CA GLN D 212 -7.90 0.72 -1.56
C GLN D 212 -8.55 2.12 -1.65
N ALA D 213 -8.58 2.68 -2.88
CA ALA D 213 -9.12 4.01 -3.20
C ALA D 213 -10.52 4.28 -2.66
N LEU D 214 -11.42 3.28 -2.74
CA LEU D 214 -12.80 3.39 -2.26
C LEU D 214 -12.89 3.72 -0.76
N GLN D 215 -11.91 3.24 0.03
CA GLN D 215 -11.89 3.45 1.47
C GLN D 215 -10.86 4.49 1.96
N THR D 216 -9.73 4.66 1.24
CA THR D 216 -8.65 5.56 1.66
C THR D 216 -8.57 6.91 0.91
N GLN D 217 -9.10 7.02 -0.32
CA GLN D 217 -9.04 8.26 -1.12
C GLN D 217 -10.45 8.85 -1.41
N PRO D 218 -11.10 9.52 -0.41
CA PRO D 218 -12.47 10.04 -0.65
C PRO D 218 -12.60 11.13 -1.70
N GLN D 219 -11.58 11.99 -1.83
CA GLN D 219 -11.52 13.11 -2.78
C GLN D 219 -11.57 12.59 -4.23
N TYR D 220 -10.75 11.58 -4.55
CA TYR D 220 -10.70 10.95 -5.87
C TYR D 220 -12.01 10.23 -6.18
N VAL D 221 -12.58 9.54 -5.17
CA VAL D 221 -13.86 8.82 -5.27
C VAL D 221 -14.98 9.81 -5.63
N ALA D 222 -14.99 10.98 -4.95
CA ALA D 222 -15.95 12.07 -5.18
C ALA D 222 -15.84 12.60 -6.61
N PHE D 223 -14.59 12.82 -7.11
CA PHE D 223 -14.34 13.29 -8.48
C PHE D 223 -14.82 12.27 -9.52
N SER D 224 -14.49 10.98 -9.34
CA SER D 224 -14.85 9.89 -10.23
C SER D 224 -16.37 9.76 -10.39
N PHE D 225 -17.14 9.95 -9.31
CA PHE D 225 -18.61 9.88 -9.33
C PHE D 225 -19.18 11.09 -10.07
N VAL D 226 -18.67 12.30 -9.77
CA VAL D 226 -19.07 13.56 -10.40
C VAL D 226 -18.75 13.54 -11.90
N TYR D 227 -17.57 12.98 -12.28
CA TYR D 227 -17.18 12.88 -13.69
C TYR D 227 -18.09 11.93 -14.47
N ILE D 228 -18.36 10.71 -13.93
CA ILE D 228 -19.23 9.73 -14.57
C ILE D 228 -20.61 10.32 -14.82
N LEU D 229 -21.21 10.97 -13.80
CA LEU D 229 -22.53 11.59 -13.89
C LEU D 229 -22.56 12.81 -14.83
N THR D 230 -21.59 13.74 -14.72
CA THR D 230 -21.58 14.92 -15.60
C THR D 230 -21.25 14.53 -17.05
N GLY D 231 -20.31 13.61 -17.20
CA GLY D 231 -19.88 13.08 -18.50
C GLY D 231 -21.01 12.43 -19.26
N LEU D 232 -21.86 11.65 -18.55
CA LEU D 232 -23.05 10.99 -19.11
C LEU D 232 -24.11 12.01 -19.51
N THR D 233 -24.13 13.20 -18.84
CA THR D 233 -25.05 14.28 -19.15
C THR D 233 -24.62 14.95 -20.46
N VAL D 234 -23.29 15.09 -20.66
CA VAL D 234 -22.69 15.68 -21.88
C VAL D 234 -23.02 14.80 -23.10
N ILE D 235 -22.84 13.47 -22.99
CA ILE D 235 -23.16 12.52 -24.06
C ILE D 235 -24.68 12.46 -24.25
N GLY D 236 -25.41 12.45 -23.15
CA GLY D 236 -26.87 12.45 -23.12
C GLY D 236 -27.48 13.63 -23.86
N ALA D 237 -26.87 14.82 -23.70
CA ALA D 237 -27.28 16.07 -24.36
C ALA D 237 -27.08 15.99 -25.87
N PHE D 238 -26.00 15.30 -26.32
CA PHE D 238 -25.67 15.11 -27.73
C PHE D 238 -26.66 14.17 -28.44
N LEU D 239 -27.05 13.06 -27.78
CA LEU D 239 -28.03 12.11 -28.32
C LEU D 239 -29.39 12.78 -28.44
N ASN D 240 -29.77 13.57 -27.41
CA ASN D 240 -31.02 14.33 -27.34
C ASN D 240 -31.13 15.27 -28.54
N LEU D 241 -30.01 15.91 -28.89
CA LEU D 241 -29.89 16.84 -30.01
C LEU D 241 -29.88 16.15 -31.37
N VAL D 242 -29.06 15.09 -31.54
CA VAL D 242 -28.83 14.43 -32.82
C VAL D 242 -29.64 13.13 -33.05
N VAL D 243 -29.55 12.16 -32.13
CA VAL D 243 -30.14 10.82 -32.27
C VAL D 243 -31.65 10.70 -31.96
N LEU D 244 -32.12 11.21 -30.80
CA LEU D 244 -33.51 11.12 -30.31
C LEU D 244 -34.62 11.40 -31.35
N ARG D 245 -34.42 12.39 -32.23
CA ARG D 245 -35.36 12.78 -33.29
C ARG D 245 -35.70 11.63 -34.28
N PHE D 246 -34.74 10.71 -34.52
CA PHE D 246 -34.86 9.57 -35.42
C PHE D 246 -35.63 8.39 -34.83
N MET D 247 -35.79 8.36 -33.50
CA MET D 247 -36.50 7.29 -32.78
C MET D 247 -38.01 7.46 -32.83
N THR D 248 -38.46 8.70 -33.00
CA THR D 248 -39.89 9.07 -33.06
C THR D 248 -40.39 9.13 -34.51
N MET D 249 -39.49 8.93 -35.49
CA MET D 249 -39.76 8.99 -36.93
C MET D 249 -40.86 8.04 -37.41
N ASN D 250 -40.85 6.77 -36.96
CA ASN D 250 -41.85 5.77 -37.35
C ASN D 250 -43.24 6.14 -36.84
N ALA D 251 -43.32 6.70 -35.62
CA ALA D 251 -44.56 7.16 -34.99
C ALA D 251 -45.12 8.39 -35.71
N GLU D 252 -44.23 9.27 -36.23
CA GLU D 252 -44.59 10.48 -36.98
C GLU D 252 -45.23 10.12 -38.32
N ASP D 253 -44.64 9.14 -39.05
CA ASP D 253 -45.13 8.67 -40.34
C ASP D 253 -46.43 7.90 -40.21
N GLU D 254 -46.58 7.10 -39.13
CA GLU D 254 -47.79 6.30 -38.85
C GLU D 254 -48.98 7.22 -38.57
N LYS D 255 -48.72 8.35 -37.86
CA LYS D 255 -49.73 9.37 -37.54
C LYS D 255 -50.15 10.10 -38.83
N ARG D 256 -49.18 10.36 -39.73
CA ARG D 256 -49.38 11.00 -41.02
C ARG D 256 -50.21 10.12 -41.96
N ASP D 257 -50.06 8.79 -41.85
CA ASP D 257 -50.79 7.79 -42.64
C ASP D 257 -52.29 7.83 -42.32
N ALA D 258 -52.64 7.92 -41.02
CA ALA D 258 -54.01 8.00 -40.52
C ALA D 258 -54.61 9.38 -40.83
N GLU D 259 -53.76 10.43 -40.82
CA GLU D 259 -54.10 11.83 -41.10
C GLU D 259 -54.62 12.03 -42.53
N ASN D 260 -53.93 11.42 -43.53
CA ASN D 260 -54.29 11.50 -44.94
C ASN D 260 -55.48 10.60 -45.26
N LEU D 261 -55.41 9.30 -44.87
CA LEU D 261 -56.47 8.32 -45.09
C LEU D 261 -57.64 8.54 -44.13
#